data_3O3A
#
_entry.id   3O3A
#
_cell.length_a   58.208
_cell.length_b   84.222
_cell.length_c   83.946
_cell.angle_alpha   90.000
_cell.angle_beta   89.960
_cell.angle_gamma   90.000
#
_symmetry.space_group_name_H-M   'P 1 21 1'
#
loop_
_entity.id
_entity.type
_entity.pdbx_description
1 polymer 'HLA class I histocompatibility antigen, A-2 alpha chain'
2 polymer Beta-2-microglobulin
3 polymer 'Peptidomimetic ELA-1'
4 non-polymer GLYCEROL
5 water water
#
loop_
_entity_poly.entity_id
_entity_poly.type
_entity_poly.pdbx_seq_one_letter_code
_entity_poly.pdbx_strand_id
1 'polypeptide(L)'
;GSHSMRYFFTSVSRPGRGEPRFIAVGYVDDTQFVRFDSDAASQRMEPRAPWIEQEGPEYWDGETRKVKAHSQTHRVDLGT
LRGYYNQSEAGSHTVQRMYGCDVGSDWRFLRGYHQYAYDGKDYIALKEDLRSWTAADMAAQTTKHKWEAAHVAEQLRAYL
EGTCVEWLRRYLENGKETLQRTDAPKTHMTHHAVSDHEATLRCWALSFYPAEITLTWQRDGEDQTQDTELVETRPAGDGT
FQKWAAVVVPSGQEQRYTCHVQHEGLPKPLTLRWE
;
A,D
2 'polypeptide(L)'
;MIQRTPKIQVYSRHPAENGKSNFLNCYVSGFHPSDIEVDLLKNGERIEKVEHSDLSFSKDWSFYLLYYTEFTPTEKDEYA
CRVNHVTLSQPKIVKWDRDM
;
B,E
3 'polypeptide(L)' (BAL)LA(GIC)(3AZ)LTV C,F
#
loop_
_chem_comp.id
_chem_comp.type
_chem_comp.name
_chem_comp.formula
3AZ peptide-like '3-(aminomethyl)benzoic acid' 'C8 H9 N O2'
BAL peptide-like BETA-ALANINE 'C3 H7 N O2'
GIC peptide-like N-(2-aminoethyl)-N-(1H-indol-3-ylacetyl)glycine 'C14 H17 N3 O3'
GOL non-polymer GLYCEROL 'C3 H8 O3'
#
# COMPACT_ATOMS: atom_id res chain seq x y z
N GLY A 1 9.61 -14.61 4.61
CA GLY A 1 8.83 -13.37 4.37
C GLY A 1 9.68 -12.23 3.85
N SER A 2 9.20 -11.00 4.07
CA SER A 2 9.91 -9.81 3.63
C SER A 2 10.99 -9.49 4.66
N HIS A 3 12.09 -8.86 4.24
CA HIS A 3 13.15 -8.44 5.17
C HIS A 3 13.64 -7.03 4.86
N SER A 4 14.17 -6.33 5.85
CA SER A 4 14.73 -5.01 5.66
C SER A 4 16.15 -4.86 6.29
N MET A 5 16.99 -4.02 5.72
CA MET A 5 18.22 -3.63 6.39
C MET A 5 18.22 -2.11 6.47
N ARG A 6 18.53 -1.53 7.62
CA ARG A 6 18.50 -0.08 7.74
C ARG A 6 19.65 0.40 8.59
N TYR A 7 20.24 1.53 8.18
CA TYR A 7 21.24 2.24 8.92
C TYR A 7 20.66 3.59 9.38
N PHE A 8 20.88 3.96 10.63
CA PHE A 8 20.29 5.16 11.23
C PHE A 8 21.46 5.99 11.78
N PHE A 9 21.48 7.29 11.49
CA PHE A 9 22.55 8.14 11.89
C PHE A 9 22.01 9.40 12.54
N THR A 10 22.58 9.77 13.67
CA THR A 10 22.11 10.96 14.33
C THR A 10 23.35 11.80 14.63
N SER A 11 23.37 13.07 14.21
CA SER A 11 24.45 13.98 14.65
C SER A 11 23.87 15.21 15.30
N VAL A 12 24.40 15.58 16.45
CA VAL A 12 23.87 16.69 17.22
C VAL A 12 24.97 17.70 17.53
N SER A 13 24.81 18.93 17.06
CA SER A 13 25.82 19.95 17.43
C SER A 13 25.72 20.36 18.87
N ARG A 14 26.89 20.66 19.42
CA ARG A 14 26.97 21.16 20.77
C ARG A 14 28.00 22.28 20.80
N PRO A 15 27.61 23.45 20.31
CA PRO A 15 28.54 24.55 20.06
C PRO A 15 29.29 25.01 21.30
N GLY A 16 30.62 25.08 21.14
CA GLY A 16 31.56 25.36 22.21
C GLY A 16 31.62 24.31 23.30
N ARG A 17 31.31 23.07 22.97
CA ARG A 17 31.40 21.99 23.92
C ARG A 17 31.89 20.77 23.19
N GLY A 18 32.64 21.02 22.12
CA GLY A 18 33.22 19.95 21.31
C GLY A 18 32.69 19.87 19.90
N GLU A 19 33.08 18.80 19.22
CA GLU A 19 32.55 18.50 17.92
C GLU A 19 31.16 17.87 18.13
N PRO A 20 30.35 17.77 17.06
CA PRO A 20 29.04 17.13 17.19
C PRO A 20 29.08 15.67 17.60
N ARG A 21 28.09 15.25 18.39
CA ARG A 21 27.98 13.89 18.85
C ARG A 21 27.36 13.14 17.73
N PHE A 22 27.99 12.06 17.28
CA PHE A 22 27.48 11.27 16.19
C PHE A 22 27.27 9.86 16.70
N ILE A 23 26.05 9.34 16.47
CA ILE A 23 25.71 7.90 16.75
C ILE A 23 25.17 7.22 15.49
N ALA A 24 25.69 6.04 15.17
CA ALA A 24 25.18 5.28 14.06
C ALA A 24 24.78 3.91 14.57
N VAL A 25 23.69 3.37 14.05
CA VAL A 25 23.29 1.99 14.36
C VAL A 25 22.78 1.33 13.09
N GLY A 26 22.94 0.00 13.01
CA GLY A 26 22.38 -0.72 11.88
C GLY A 26 21.44 -1.83 12.37
N TYR A 27 20.39 -2.11 11.59
CA TYR A 27 19.42 -3.12 11.99
C TYR A 27 19.13 -4.00 10.81
N VAL A 28 18.87 -5.28 11.08
CA VAL A 28 18.14 -6.15 10.15
C VAL A 28 16.77 -6.37 10.79
N ASP A 29 15.71 -5.99 10.08
CA ASP A 29 14.32 -6.05 10.62
C ASP A 29 14.36 -5.33 11.97
N ASP A 30 13.94 -6.00 13.05
CA ASP A 30 13.94 -5.33 14.37
C ASP A 30 15.10 -5.77 15.23
N THR A 31 16.18 -6.27 14.62
CA THR A 31 17.30 -6.75 15.39
C THR A 31 18.54 -5.86 15.13
N GLN A 32 19.06 -5.20 16.17
CA GLN A 32 20.27 -4.37 15.95
C GLN A 32 21.52 -5.24 15.77
N PHE A 33 22.45 -4.79 14.92
CA PHE A 33 23.65 -5.56 14.74
C PHE A 33 24.97 -4.81 14.83
N VAL A 34 24.96 -3.51 14.58
CA VAL A 34 26.19 -2.73 14.80
C VAL A 34 25.85 -1.36 15.44
N ARG A 35 26.88 -0.74 16.02
CA ARG A 35 26.81 0.65 16.47
C ARG A 35 28.17 1.34 16.32
N PHE A 36 28.15 2.65 16.17
CA PHE A 36 29.33 3.49 16.37
C PHE A 36 28.89 4.70 17.22
N ASP A 37 29.68 5.07 18.23
CA ASP A 37 29.42 6.32 18.96
C ASP A 37 30.70 7.12 18.98
N SER A 38 30.63 8.35 18.45
CA SER A 38 31.80 9.25 18.33
C SER A 38 32.41 9.66 19.67
N ASP A 39 31.65 9.57 20.76
CA ASP A 39 32.16 9.91 22.05
C ASP A 39 32.84 8.76 22.76
N ALA A 40 32.65 7.54 22.26
CA ALA A 40 33.21 6.40 22.98
C ALA A 40 34.71 6.24 22.74
N ALA A 41 35.37 5.59 23.69
CA ALA A 41 36.82 5.37 23.64
C ALA A 41 37.34 4.51 22.48
N SER A 42 36.57 3.53 22.02
CA SER A 42 37.11 2.56 21.06
C SER A 42 37.37 3.14 19.67
N GLN A 43 36.54 4.09 19.27
CA GLN A 43 36.49 4.65 17.91
C GLN A 43 36.34 3.57 16.82
N ARG A 44 35.57 2.52 17.11
CA ARG A 44 35.37 1.41 16.17
C ARG A 44 33.87 1.19 15.99
N MET A 45 33.45 0.80 14.79
CA MET A 45 32.19 0.10 14.62
C MET A 45 32.22 -1.20 15.46
N GLU A 46 31.19 -1.41 16.27
CA GLU A 46 31.16 -2.55 17.20
C GLU A 46 29.97 -3.47 16.96
N PRO A 47 30.16 -4.80 17.14
CA PRO A 47 29.06 -5.75 17.00
C PRO A 47 28.04 -5.60 18.10
N ARG A 48 26.78 -5.78 17.74
CA ARG A 48 25.69 -5.74 18.73
C ARG A 48 24.73 -6.94 18.54
N ALA A 49 25.19 -7.95 17.80
CA ALA A 49 24.39 -9.16 17.57
C ALA A 49 25.40 -10.30 17.53
N PRO A 50 25.07 -11.48 18.10
CA PRO A 50 26.09 -12.56 18.06
C PRO A 50 26.50 -13.02 16.66
N TRP A 51 25.58 -12.98 15.70
CA TRP A 51 25.87 -13.49 14.37
C TRP A 51 26.73 -12.56 13.47
N ILE A 52 26.96 -11.32 13.88
CA ILE A 52 27.86 -10.43 13.14
C ILE A 52 29.30 -10.56 13.64
N GLU A 53 29.48 -11.15 14.83
CA GLU A 53 30.82 -11.26 15.45
C GLU A 53 31.85 -12.05 14.60
N GLN A 54 31.35 -13.00 13.80
CA GLN A 54 32.19 -13.80 12.92
C GLN A 54 32.78 -13.01 11.73
N GLU A 55 32.29 -11.81 11.43
CA GLU A 55 32.86 -11.01 10.34
C GLU A 55 34.31 -10.70 10.63
N GLY A 56 35.14 -10.76 9.61
CA GLY A 56 36.57 -10.72 9.84
C GLY A 56 37.05 -9.28 9.92
N PRO A 57 38.37 -9.09 10.01
CA PRO A 57 38.95 -7.78 10.29
C PRO A 57 38.72 -6.74 9.18
N GLU A 58 38.44 -7.18 7.92
CA GLU A 58 38.29 -6.22 6.82
C GLU A 58 36.93 -5.59 6.89
N TYR A 59 35.98 -6.36 7.38
CA TYR A 59 34.67 -5.85 7.62
C TYR A 59 34.76 -4.81 8.71
N TRP A 60 35.27 -5.18 9.89
CA TRP A 60 35.38 -4.19 10.99
C TRP A 60 36.22 -2.94 10.63
N ASP A 61 37.36 -3.13 9.96
CA ASP A 61 38.20 -2.01 9.55
C ASP A 61 37.46 -1.16 8.52
N GLY A 62 36.78 -1.78 7.55
CA GLY A 62 36.17 -1.02 6.43
C GLY A 62 34.90 -0.33 6.88
N GLU A 63 34.14 -0.99 7.74
CA GLU A 63 32.93 -0.40 8.29
C GLU A 63 33.29 0.74 9.25
N THR A 64 34.39 0.63 9.99
CA THR A 64 34.82 1.73 10.89
C THR A 64 35.25 2.92 10.05
N ARG A 65 35.95 2.66 8.95
CA ARG A 65 36.31 3.78 8.06
C ARG A 65 35.10 4.44 7.42
N LYS A 66 34.19 3.63 6.89
CA LYS A 66 32.95 4.16 6.31
C LYS A 66 32.11 4.94 7.29
N VAL A 67 31.98 4.43 8.53
CA VAL A 67 31.11 5.13 9.49
C VAL A 67 31.71 6.45 9.97
N LYS A 68 33.03 6.49 10.14
CA LYS A 68 33.75 7.75 10.45
C LYS A 68 33.61 8.77 9.33
N ALA A 69 33.54 8.27 8.10
CA ALA A 69 33.34 9.14 6.94
C ALA A 69 31.93 9.70 6.88
N HIS A 70 30.94 8.90 7.28
CA HIS A 70 29.55 9.35 7.46
C HIS A 70 29.47 10.46 8.51
N SER A 71 30.24 10.29 9.61
CA SER A 71 30.30 11.29 10.71
C SER A 71 30.82 12.65 10.25
N GLN A 72 31.85 12.60 9.41
CA GLN A 72 32.47 13.83 8.92
C GLN A 72 31.56 14.63 8.02
N THR A 73 30.82 13.90 7.24
CA THR A 73 29.93 14.47 6.27
C THR A 73 28.71 15.15 7.03
N HIS A 74 28.26 14.55 8.14
CA HIS A 74 27.21 15.20 8.98
C HIS A 74 27.78 16.43 9.72
N ARG A 75 29.07 16.42 10.06
CA ARG A 75 29.68 17.61 10.64
C ARG A 75 29.66 18.79 9.69
N VAL A 76 29.99 18.54 8.42
CA VAL A 76 29.85 19.54 7.35
C VAL A 76 28.37 19.95 7.24
N ASP A 77 27.46 18.97 7.26
CA ASP A 77 26.01 19.22 7.04
C ASP A 77 25.45 20.19 8.09
N LEU A 78 25.85 20.01 9.36
CA LEU A 78 25.40 20.88 10.43
C LEU A 78 25.78 22.36 10.19
N GLY A 79 27.01 22.64 9.76
CA GLY A 79 27.42 23.97 9.31
C GLY A 79 26.60 24.48 8.13
N THR A 80 26.36 23.64 7.15
CA THR A 80 25.68 24.05 5.91
C THR A 80 24.23 24.38 6.20
N LEU A 81 23.54 23.48 6.93
CA LEU A 81 22.17 23.69 7.44
C LEU A 81 21.95 24.95 8.28
N ARG A 82 22.87 25.30 9.19
CA ARG A 82 22.77 26.54 9.93
C ARG A 82 22.85 27.77 8.99
N GLY A 83 23.62 27.65 7.90
CA GLY A 83 23.73 28.71 6.90
C GLY A 83 22.45 28.81 6.09
N TYR A 84 21.95 27.67 5.60
CA TYR A 84 20.70 27.65 4.80
C TYR A 84 19.50 28.28 5.56
N TYR A 85 19.40 28.01 6.86
CA TYR A 85 18.30 28.48 7.67
C TYR A 85 18.64 29.77 8.46
N ASN A 86 19.82 30.34 8.21
CA ASN A 86 20.29 31.58 8.90
C ASN A 86 20.20 31.47 10.44
N GLN A 87 20.71 30.37 10.99
CA GLN A 87 20.59 30.10 12.40
C GLN A 87 21.86 30.51 13.12
N SER A 88 21.73 30.82 14.40
CA SER A 88 22.89 31.30 15.15
C SER A 88 23.85 30.16 15.54
N GLU A 89 25.06 30.59 15.88
CA GLU A 89 26.18 29.71 16.23
C GLU A 89 25.90 28.85 17.43
N ALA A 90 25.12 29.39 18.34
CA ALA A 90 25.04 28.88 19.68
C ALA A 90 24.21 27.63 19.86
N GLY A 91 23.04 27.59 19.21
CA GLY A 91 22.01 26.60 19.55
C GLY A 91 22.33 25.24 19.01
N SER A 92 21.80 24.21 19.65
CA SER A 92 22.05 22.82 19.22
C SER A 92 21.07 22.45 18.15
N HIS A 93 21.54 21.74 17.12
CA HIS A 93 20.67 21.26 16.07
C HIS A 93 20.96 19.80 15.80
N THR A 94 20.04 19.13 15.09
CA THR A 94 20.11 17.68 14.92
C THR A 94 19.93 17.33 13.44
N VAL A 95 20.88 16.57 12.85
CA VAL A 95 20.70 16.00 11.51
C VAL A 95 20.52 14.51 11.68
N GLN A 96 19.53 13.96 11.01
CA GLN A 96 19.34 12.48 11.06
C GLN A 96 19.30 12.00 9.66
N ARG A 97 19.86 10.81 9.41
CA ARG A 97 19.77 10.22 8.09
C ARG A 97 19.44 8.75 8.25
N MET A 98 18.65 8.20 7.33
CA MET A 98 18.39 6.79 7.37
C MET A 98 18.56 6.33 5.95
N TYR A 99 19.20 5.18 5.75
CA TYR A 99 19.03 4.53 4.47
C TYR A 99 19.00 3.02 4.58
N GLY A 100 18.56 2.36 3.51
CA GLY A 100 18.53 0.90 3.43
C GLY A 100 17.58 0.29 2.42
N CYS A 101 17.37 -1.02 2.48
CA CYS A 101 16.66 -1.73 1.41
C CYS A 101 15.74 -2.76 2.00
N ASP A 102 14.70 -3.09 1.23
CA ASP A 102 13.74 -4.13 1.56
C ASP A 102 13.89 -5.21 0.47
N VAL A 103 13.71 -6.46 0.87
CA VAL A 103 13.69 -7.54 -0.09
C VAL A 103 12.41 -8.29 0.14
N GLY A 104 11.93 -8.97 -0.91
CA GLY A 104 10.75 -9.79 -0.75
C GLY A 104 11.10 -11.17 -0.23
N SER A 105 10.14 -12.10 -0.35
CA SER A 105 10.31 -13.52 0.00
C SER A 105 11.41 -14.26 -0.79
N ASP A 106 11.63 -13.87 -2.05
CA ASP A 106 12.70 -14.43 -2.89
C ASP A 106 14.09 -13.81 -2.63
N TRP A 107 14.10 -12.85 -1.70
CA TRP A 107 15.24 -12.01 -1.33
C TRP A 107 15.85 -11.20 -2.50
N ARG A 108 15.01 -10.84 -3.47
CA ARG A 108 15.42 -9.89 -4.50
C ARG A 108 15.03 -8.49 -4.04
N PHE A 109 15.81 -7.51 -4.44
CA PHE A 109 15.50 -6.11 -4.18
C PHE A 109 14.01 -5.76 -4.39
N LEU A 110 13.40 -5.07 -3.42
CA LEU A 110 11.98 -4.73 -3.48
C LEU A 110 11.80 -3.22 -3.51
N ARG A 111 12.39 -2.55 -2.53
CA ARG A 111 12.34 -1.09 -2.40
C ARG A 111 13.64 -0.60 -1.78
N GLY A 112 14.03 0.64 -2.10
CA GLY A 112 15.20 1.29 -1.51
C GLY A 112 14.78 2.65 -0.90
N TYR A 113 15.54 3.11 0.08
CA TYR A 113 15.22 4.32 0.87
C TYR A 113 16.48 5.10 1.21
N HIS A 114 16.41 6.43 1.22
CA HIS A 114 17.52 7.28 1.62
C HIS A 114 16.95 8.68 1.96
N GLN A 115 16.89 9.01 3.26
CA GLN A 115 16.08 10.15 3.76
C GLN A 115 16.91 10.89 4.80
N TYR A 116 16.74 12.21 4.88
CA TYR A 116 17.41 13.07 5.86
C TYR A 116 16.33 13.89 6.55
N ALA A 117 16.59 14.23 7.82
CA ALA A 117 15.80 15.20 8.55
C ALA A 117 16.69 16.21 9.22
N TYR A 118 16.15 17.43 9.40
CA TYR A 118 16.88 18.42 10.17
C TYR A 118 15.95 18.93 11.26
N ASP A 119 16.43 18.91 12.52
CA ASP A 119 15.66 19.30 13.69
C ASP A 119 14.31 18.61 13.72
N GLY A 120 14.29 17.32 13.37
CA GLY A 120 13.08 16.50 13.58
C GLY A 120 12.04 16.57 12.50
N LYS A 121 12.36 17.28 11.41
CA LYS A 121 11.41 17.50 10.31
C LYS A 121 12.00 16.89 9.05
N ASP A 122 11.21 16.25 8.18
CA ASP A 122 11.69 15.80 6.85
C ASP A 122 12.46 16.94 6.18
N TYR A 123 13.66 16.61 5.68
CA TYR A 123 14.46 17.55 4.91
C TYR A 123 14.49 17.17 3.41
N ILE A 124 15.13 16.03 3.07
CA ILE A 124 15.12 15.58 1.68
C ILE A 124 15.12 14.04 1.67
N ALA A 125 14.45 13.50 0.67
CA ALA A 125 14.27 12.04 0.55
C ALA A 125 14.39 11.57 -0.89
N LEU A 126 15.09 10.46 -1.09
CA LEU A 126 15.02 9.75 -2.36
C LEU A 126 13.64 9.14 -2.56
N LYS A 127 13.01 9.36 -3.72
CA LYS A 127 11.64 8.90 -4.01
C LYS A 127 11.72 7.42 -4.37
N GLU A 128 10.55 6.76 -4.48
CA GLU A 128 10.48 5.29 -4.73
C GLU A 128 11.22 4.80 -6.00
N ASP A 129 11.26 5.64 -7.02
CA ASP A 129 11.92 5.28 -8.29
C ASP A 129 13.46 5.30 -8.20
N LEU A 130 13.98 5.79 -7.07
CA LEU A 130 15.42 5.98 -6.80
C LEU A 130 16.16 6.90 -7.79
N ARG A 131 15.40 7.79 -8.43
CA ARG A 131 15.91 8.66 -9.51
C ARG A 131 15.62 10.13 -9.28
N SER A 132 14.82 10.42 -8.27
CA SER A 132 14.38 11.79 -8.03
C SER A 132 14.14 11.99 -6.55
N TRP A 133 13.99 13.25 -6.16
CA TRP A 133 14.06 13.67 -4.79
C TRP A 133 12.80 14.42 -4.41
N THR A 134 12.34 14.20 -3.19
CA THR A 134 11.33 15.03 -2.53
C THR A 134 12.03 15.97 -1.52
N ALA A 135 11.92 17.29 -1.75
CA ALA A 135 12.57 18.27 -0.87
C ALA A 135 11.49 19.02 -0.14
N ALA A 136 11.63 19.13 1.17
CA ALA A 136 10.48 19.47 1.97
C ALA A 136 10.24 20.97 2.16
N ASP A 137 11.23 21.79 1.78
CA ASP A 137 11.20 23.23 1.93
C ASP A 137 12.17 23.89 0.95
N MET A 138 12.34 25.21 1.04
CA MET A 138 13.20 25.87 0.10
C MET A 138 14.68 25.56 0.33
N ALA A 139 15.08 25.45 1.60
CA ALA A 139 16.50 25.05 1.83
C ALA A 139 16.82 23.68 1.24
N ALA A 140 15.89 22.76 1.32
CA ALA A 140 16.12 21.44 0.80
C ALA A 140 16.08 21.40 -0.75
N GLN A 141 15.40 22.36 -1.39
CA GLN A 141 15.55 22.56 -2.81
C GLN A 141 17.01 22.87 -3.22
N THR A 142 17.73 23.67 -2.41
CA THR A 142 19.13 24.01 -2.69
C THR A 142 19.94 22.71 -2.72
N THR A 143 19.70 21.85 -1.75
CA THR A 143 20.33 20.52 -1.73
C THR A 143 19.97 19.67 -2.94
N LYS A 144 18.68 19.63 -3.25
CA LYS A 144 18.21 18.90 -4.44
C LYS A 144 18.93 19.33 -5.71
N HIS A 145 19.12 20.63 -5.90
CA HIS A 145 19.78 21.11 -7.12
C HIS A 145 21.22 20.62 -7.18
N LYS A 146 21.88 20.69 -6.03
CA LYS A 146 23.28 20.25 -5.95
C LYS A 146 23.39 18.75 -6.11
N TRP A 147 22.42 18.02 -5.57
CA TRP A 147 22.47 16.56 -5.68
C TRP A 147 22.08 16.06 -7.07
N GLU A 148 21.23 16.80 -7.75
CA GLU A 148 20.95 16.46 -9.12
C GLU A 148 22.16 16.75 -10.04
N ALA A 149 22.78 17.92 -9.86
CA ALA A 149 23.97 18.30 -10.66
C ALA A 149 25.11 17.30 -10.46
N ALA A 150 25.17 16.70 -9.27
CA ALA A 150 26.27 15.81 -8.91
C ALA A 150 25.93 14.36 -9.14
N HIS A 151 24.73 14.10 -9.68
CA HIS A 151 24.26 12.72 -9.95
C HIS A 151 24.33 11.78 -8.75
N VAL A 152 23.91 12.29 -7.61
CA VAL A 152 23.84 11.54 -6.34
C VAL A 152 22.90 10.33 -6.38
N ALA A 153 21.70 10.51 -6.96
CA ALA A 153 20.71 9.41 -7.05
C ALA A 153 21.22 8.14 -7.74
N GLU A 154 21.96 8.30 -8.82
CA GLU A 154 22.53 7.15 -9.53
C GLU A 154 23.52 6.38 -8.69
N GLN A 155 24.32 7.08 -7.88
CA GLN A 155 25.29 6.41 -7.01
C GLN A 155 24.55 5.72 -5.86
N LEU A 156 23.55 6.40 -5.31
CA LEU A 156 22.71 5.77 -4.32
C LEU A 156 21.96 4.52 -4.80
N ARG A 157 21.31 4.59 -5.96
CA ARG A 157 20.50 3.50 -6.52
C ARG A 157 21.30 2.22 -6.67
N ALA A 158 22.54 2.37 -7.15
CA ALA A 158 23.45 1.24 -7.36
C ALA A 158 23.78 0.57 -6.05
N TYR A 159 23.98 1.37 -5.00
CA TYR A 159 24.16 0.84 -3.64
C TYR A 159 22.94 0.07 -3.15
N LEU A 160 21.78 0.71 -3.24
CA LEU A 160 20.54 0.19 -2.65
C LEU A 160 20.03 -1.07 -3.34
N GLU A 161 20.18 -1.12 -4.67
CA GLU A 161 19.81 -2.31 -5.42
C GLU A 161 20.90 -3.39 -5.43
N GLY A 162 22.15 -3.03 -5.10
CA GLY A 162 23.23 -4.01 -5.22
C GLY A 162 23.78 -4.43 -3.88
N THR A 163 24.81 -3.73 -3.42
CA THR A 163 25.49 -3.93 -2.13
C THR A 163 24.57 -4.10 -0.93
N CYS A 164 23.51 -3.30 -0.87
CA CYS A 164 22.59 -3.32 0.29
C CYS A 164 21.90 -4.67 0.38
N VAL A 165 21.47 -5.17 -0.77
CA VAL A 165 20.68 -6.37 -0.84
C VAL A 165 21.60 -7.60 -0.65
N GLU A 166 22.84 -7.49 -1.13
CA GLU A 166 23.87 -8.57 -0.97
C GLU A 166 24.22 -8.80 0.51
N TRP A 167 24.45 -7.71 1.23
CA TRP A 167 24.78 -7.77 2.63
C TRP A 167 23.60 -8.22 3.48
N LEU A 168 22.40 -7.69 3.19
CA LEU A 168 21.18 -8.20 3.81
C LEU A 168 21.03 -9.71 3.65
N ARG A 169 21.16 -10.21 2.42
CA ARG A 169 21.09 -11.67 2.19
C ARG A 169 22.10 -12.48 3.01
N ARG A 170 23.32 -11.97 3.06
CA ARG A 170 24.37 -12.55 3.86
C ARG A 170 24.00 -12.65 5.34
N TYR A 171 23.46 -11.57 5.88
CA TYR A 171 23.11 -11.52 7.31
C TYR A 171 21.98 -12.48 7.61
N LEU A 172 20.97 -12.51 6.71
CA LEU A 172 19.82 -13.42 6.86
C LEU A 172 20.28 -14.89 6.93
N GLU A 173 21.28 -15.24 6.12
CA GLU A 173 21.88 -16.59 6.16
C GLU A 173 22.71 -16.86 7.43
N ASN A 174 23.65 -15.96 7.74
CA ASN A 174 24.51 -16.15 8.95
C ASN A 174 23.78 -16.05 10.26
N GLY A 175 22.80 -15.17 10.33
CA GLY A 175 22.02 -15.05 11.56
C GLY A 175 20.66 -15.64 11.47
N LYS A 176 20.52 -16.73 10.70
CA LYS A 176 19.20 -17.30 10.45
C LYS A 176 18.34 -17.63 11.66
N GLU A 177 18.95 -18.24 12.68
CA GLU A 177 18.26 -18.61 13.91
C GLU A 177 17.54 -17.40 14.54
N THR A 178 18.22 -16.26 14.56
CA THR A 178 17.73 -15.00 15.09
C THR A 178 16.82 -14.26 14.11
N LEU A 179 17.26 -14.13 12.87
CA LEU A 179 16.59 -13.26 11.92
C LEU A 179 15.43 -13.90 11.19
N GLN A 180 15.52 -15.18 10.85
CA GLN A 180 14.43 -15.88 10.14
C GLN A 180 13.71 -16.68 11.20
N ARG A 181 13.02 -15.98 12.09
CA ARG A 181 12.29 -16.64 13.13
C ARG A 181 11.07 -15.78 13.34
N THR A 182 10.01 -16.40 13.80
CA THR A 182 8.88 -15.62 14.18
C THR A 182 8.47 -16.16 15.55
N ASP A 183 8.28 -15.24 16.52
CA ASP A 183 7.83 -15.68 17.84
C ASP A 183 6.40 -15.13 18.00
N ALA A 184 5.43 -16.04 18.10
CA ALA A 184 4.04 -15.65 18.26
C ALA A 184 3.84 -15.08 19.66
N PRO A 185 3.02 -14.03 19.77
CA PRO A 185 2.73 -13.38 21.05
C PRO A 185 2.01 -14.34 21.98
N LYS A 186 2.43 -14.34 23.23
CA LYS A 186 1.69 -14.98 24.32
C LYS A 186 0.70 -13.93 24.81
N THR A 187 -0.59 -14.22 24.72
CA THR A 187 -1.60 -13.17 25.00
C THR A 187 -2.46 -13.49 26.18
N HIS A 188 -2.88 -12.43 26.92
CA HIS A 188 -3.88 -12.57 27.93
C HIS A 188 -4.52 -11.20 28.18
N MET A 189 -5.61 -11.20 28.94
CA MET A 189 -6.18 -9.93 29.34
C MET A 189 -6.25 -9.87 30.86
N THR A 190 -6.07 -8.68 31.41
CA THR A 190 -6.18 -8.50 32.84
C THR A 190 -7.39 -7.60 33.16
N HIS A 191 -7.85 -7.67 34.40
CA HIS A 191 -9.06 -7.01 34.83
C HIS A 191 -8.81 -6.42 36.18
N HIS A 192 -9.02 -5.11 36.35
CA HIS A 192 -8.88 -4.48 37.67
C HIS A 192 -9.88 -3.38 37.86
N ALA A 193 -10.59 -3.44 38.98
CA ALA A 193 -11.62 -2.43 39.31
C ALA A 193 -10.88 -1.09 39.49
N VAL A 194 -11.35 0.00 38.88
CA VAL A 194 -10.83 1.30 39.31
C VAL A 194 -11.72 1.95 40.38
N SER A 195 -12.97 1.50 40.46
CA SER A 195 -13.92 1.95 41.48
C SER A 195 -14.97 0.85 41.58
N ASP A 196 -16.09 1.13 42.26
CA ASP A 196 -17.14 0.09 42.32
C ASP A 196 -18.05 0.09 41.10
N HIS A 197 -17.78 0.97 40.13
CA HIS A 197 -18.60 0.98 38.94
C HIS A 197 -17.81 0.87 37.66
N GLU A 198 -16.48 0.84 37.71
CA GLU A 198 -15.69 0.72 36.48
C GLU A 198 -14.45 -0.17 36.64
N ALA A 199 -14.01 -0.71 35.53
CA ALA A 199 -12.86 -1.63 35.53
C ALA A 199 -11.99 -1.37 34.30
N THR A 200 -10.68 -1.45 34.51
CA THR A 200 -9.76 -1.40 33.37
C THR A 200 -9.56 -2.82 32.79
N LEU A 201 -9.73 -2.96 31.48
CA LEU A 201 -9.49 -4.23 30.78
C LEU A 201 -8.23 -3.98 29.97
N ARG A 202 -7.18 -4.75 30.17
CA ARG A 202 -5.96 -4.53 29.43
C ARG A 202 -5.59 -5.82 28.68
N CYS A 203 -5.36 -5.65 27.39
CA CYS A 203 -5.11 -6.79 26.50
C CYS A 203 -3.60 -6.82 26.33
N TRP A 204 -2.96 -7.95 26.66
CA TRP A 204 -1.49 -8.05 26.62
C TRP A 204 -0.98 -8.95 25.52
N ALA A 205 0.16 -8.59 24.90
CA ALA A 205 0.83 -9.46 23.98
C ALA A 205 2.29 -9.42 24.39
N LEU A 206 2.87 -10.62 24.64
CA LEU A 206 4.22 -10.71 25.20
C LEU A 206 5.11 -11.65 24.39
N SER A 207 6.42 -11.41 24.45
CA SER A 207 7.41 -12.37 23.89
C SER A 207 7.30 -12.58 22.41
N PHE A 208 6.96 -11.53 21.66
CA PHE A 208 6.81 -11.69 20.22
C PHE A 208 7.93 -11.07 19.37
N TYR A 209 8.03 -11.55 18.13
CA TYR A 209 9.02 -11.14 17.17
C TYR A 209 8.52 -11.54 15.76
N PRO A 210 8.57 -10.63 14.77
CA PRO A 210 9.03 -9.23 14.82
C PRO A 210 8.06 -8.30 15.54
N ALA A 211 8.40 -7.01 15.58
CA ALA A 211 7.73 -6.06 16.48
C ALA A 211 6.35 -5.65 15.96
N GLU A 212 6.13 -5.80 14.66
CA GLU A 212 4.86 -5.41 14.07
C GLU A 212 3.70 -6.25 14.65
N ILE A 213 2.70 -5.57 15.21
CA ILE A 213 1.52 -6.25 15.78
C ILE A 213 0.34 -5.28 15.78
N THR A 214 -0.87 -5.80 15.89
CA THR A 214 -2.06 -4.96 16.02
C THR A 214 -2.90 -5.53 17.16
N LEU A 215 -3.28 -4.67 18.10
CA LEU A 215 -4.09 -5.02 19.23
C LEU A 215 -5.26 -4.08 19.16
N THR A 216 -6.47 -4.63 19.15
CA THR A 216 -7.64 -3.76 19.12
C THR A 216 -8.72 -4.29 20.06
N TRP A 217 -9.51 -3.38 20.63
CA TRP A 217 -10.68 -3.72 21.46
C TRP A 217 -11.95 -3.50 20.62
N GLN A 218 -12.86 -4.46 20.74
CA GLN A 218 -14.21 -4.29 20.20
C GLN A 218 -15.26 -4.32 21.33
N ARG A 219 -16.36 -3.59 21.13
CA ARG A 219 -17.53 -3.70 22.05
C ARG A 219 -18.73 -4.11 21.24
N ASP A 220 -19.30 -5.29 21.54
CA ASP A 220 -20.27 -5.94 20.56
C ASP A 220 -19.81 -5.91 19.11
N GLY A 221 -18.53 -6.17 18.87
CA GLY A 221 -18.03 -6.18 17.53
C GLY A 221 -17.65 -4.85 16.92
N GLU A 222 -17.90 -3.77 17.64
CA GLU A 222 -17.58 -2.46 17.09
C GLU A 222 -16.25 -1.94 17.64
N ASP A 223 -15.42 -1.37 16.77
CA ASP A 223 -14.10 -0.91 17.20
C ASP A 223 -14.22 0.22 18.24
N GLN A 224 -13.34 0.18 19.23
CA GLN A 224 -13.36 1.12 20.35
C GLN A 224 -12.09 1.99 20.29
N THR A 225 -11.71 2.38 19.08
CA THR A 225 -10.39 2.97 18.87
C THR A 225 -10.15 4.30 19.62
N GLN A 226 -11.18 5.16 19.67
CA GLN A 226 -11.08 6.40 20.42
C GLN A 226 -11.07 6.20 21.93
N ASP A 227 -11.56 5.07 22.39
CA ASP A 227 -11.56 4.80 23.82
C ASP A 227 -10.40 3.94 24.28
N THR A 228 -9.53 3.55 23.35
CA THR A 228 -8.46 2.64 23.69
C THR A 228 -7.15 3.39 23.99
N GLU A 229 -6.47 2.98 25.07
CA GLU A 229 -5.12 3.46 25.33
C GLU A 229 -4.16 2.43 24.80
N LEU A 230 -3.41 2.77 23.77
CA LEU A 230 -2.51 1.82 23.16
C LEU A 230 -1.09 2.26 23.43
N VAL A 231 -0.25 1.46 24.12
CA VAL A 231 1.14 1.93 24.30
C VAL A 231 2.07 1.56 23.14
N GLU A 232 3.19 2.25 23.08
CA GLU A 232 4.20 2.00 22.07
C GLU A 232 4.77 0.59 22.28
N THR A 233 4.89 -0.17 21.18
CA THR A 233 5.54 -1.51 21.24
C THR A 233 6.94 -1.36 21.86
N ARG A 234 7.27 -2.24 22.83
CA ARG A 234 8.48 -1.99 23.60
C ARG A 234 9.34 -3.27 23.68
N PRO A 235 10.67 -3.10 23.74
CA PRO A 235 11.57 -4.23 23.85
C PRO A 235 11.57 -4.85 25.22
N ALA A 236 11.54 -6.20 25.26
CA ALA A 236 11.65 -6.89 26.55
C ALA A 236 13.13 -6.89 26.97
N GLY A 237 14.04 -6.78 26.00
CA GLY A 237 15.47 -6.81 26.24
C GLY A 237 16.15 -8.13 25.86
N ASP A 238 15.36 -9.14 25.54
CA ASP A 238 15.85 -10.47 25.15
C ASP A 238 15.68 -10.77 23.66
N GLY A 239 15.37 -9.75 22.86
CA GLY A 239 15.12 -9.94 21.43
C GLY A 239 13.64 -10.01 21.03
N THR A 240 12.73 -9.93 22.01
CA THR A 240 11.31 -9.98 21.76
C THR A 240 10.66 -8.67 22.23
N PHE A 241 9.36 -8.53 21.92
CA PHE A 241 8.65 -7.28 22.17
C PHE A 241 7.37 -7.51 22.94
N GLN A 242 6.82 -6.43 23.47
CA GLN A 242 5.62 -6.49 24.25
C GLN A 242 4.75 -5.32 23.82
N LYS A 243 3.47 -5.40 24.13
CA LYS A 243 2.54 -4.29 23.87
C LYS A 243 1.24 -4.57 24.62
N TRP A 244 0.54 -3.51 24.98
CA TRP A 244 -0.75 -3.68 25.57
C TRP A 244 -1.71 -2.63 25.08
N ALA A 245 -3.01 -2.94 25.22
CA ALA A 245 -4.08 -1.98 24.86
C ALA A 245 -5.08 -2.03 26.00
N ALA A 246 -5.56 -0.87 26.45
CA ALA A 246 -6.54 -0.86 27.57
C ALA A 246 -7.75 -0.01 27.27
N VAL A 247 -8.88 -0.43 27.87
CA VAL A 247 -10.12 0.36 27.86
C VAL A 247 -10.65 0.36 29.33
N VAL A 248 -11.33 1.43 29.72
CA VAL A 248 -12.00 1.48 31.03
C VAL A 248 -13.49 1.32 30.76
N VAL A 249 -14.11 0.35 31.40
CA VAL A 249 -15.42 -0.11 31.01
C VAL A 249 -16.38 -0.09 32.21
N PRO A 250 -17.72 0.10 31.98
CA PRO A 250 -18.61 -0.07 33.15
C PRO A 250 -18.62 -1.51 33.68
N SER A 251 -18.42 -1.67 34.98
CA SER A 251 -18.49 -3.02 35.59
C SER A 251 -19.80 -3.69 35.24
N GLY A 252 -19.72 -4.94 34.78
CA GLY A 252 -20.93 -5.66 34.40
C GLY A 252 -20.95 -5.83 32.90
N GLN A 253 -20.25 -4.94 32.16
CA GLN A 253 -20.24 -4.98 30.67
C GLN A 253 -19.06 -5.73 30.06
N GLU A 254 -18.25 -6.35 30.92
CA GLU A 254 -17.01 -7.01 30.48
C GLU A 254 -17.23 -7.97 29.32
N GLN A 255 -18.33 -8.72 29.32
CA GLN A 255 -18.56 -9.75 28.30
C GLN A 255 -18.89 -9.16 26.90
N ARG A 256 -19.22 -7.86 26.82
CA ARG A 256 -19.41 -7.21 25.54
C ARG A 256 -18.07 -6.94 24.86
N TYR A 257 -17.00 -6.91 25.64
CA TYR A 257 -15.70 -6.47 25.14
C TYR A 257 -14.80 -7.62 24.74
N THR A 258 -14.17 -7.49 23.56
CA THR A 258 -13.23 -8.52 23.10
C THR A 258 -11.90 -7.86 22.62
N CYS A 259 -10.77 -8.51 22.87
CA CYS A 259 -9.47 -8.01 22.40
C CYS A 259 -9.07 -8.83 21.20
N HIS A 260 -8.44 -8.20 20.19
CA HIS A 260 -8.16 -8.89 18.96
C HIS A 260 -6.67 -8.68 18.62
N VAL A 261 -5.95 -9.77 18.41
CA VAL A 261 -4.49 -9.75 18.22
C VAL A 261 -4.13 -10.29 16.82
N GLN A 262 -3.40 -9.48 16.03
CA GLN A 262 -2.93 -9.91 14.75
C GLN A 262 -1.38 -9.85 14.75
N HIS A 263 -0.75 -10.93 14.27
CA HIS A 263 0.71 -11.03 14.26
C HIS A 263 1.12 -12.14 13.32
N GLU A 264 2.20 -11.93 12.58
CA GLU A 264 2.62 -12.88 11.54
C GLU A 264 2.92 -14.28 12.07
N GLY A 265 3.28 -14.39 13.35
CA GLY A 265 3.47 -15.68 14.01
C GLY A 265 2.26 -16.49 14.42
N LEU A 266 1.09 -15.86 14.38
CA LEU A 266 -0.13 -16.55 14.74
C LEU A 266 -0.68 -17.25 13.52
N PRO A 267 -1.02 -18.55 13.65
CA PRO A 267 -1.67 -19.24 12.54
C PRO A 267 -2.97 -18.54 12.16
N LYS A 268 -3.72 -18.00 13.14
CA LYS A 268 -4.92 -17.23 12.88
C LYS A 268 -4.99 -16.03 13.86
N PRO A 269 -5.59 -14.88 13.45
CA PRO A 269 -5.79 -13.78 14.40
C PRO A 269 -6.56 -14.28 15.62
N LEU A 270 -6.18 -13.82 16.81
CA LEU A 270 -6.81 -14.30 18.04
C LEU A 270 -7.87 -13.35 18.54
N THR A 271 -8.93 -13.89 19.12
CA THR A 271 -9.92 -13.07 19.79
C THR A 271 -9.93 -13.55 21.25
N LEU A 272 -9.76 -12.63 22.20
CA LEU A 272 -9.76 -12.99 23.61
C LEU A 272 -11.05 -12.45 24.19
N ARG A 273 -11.66 -13.21 25.09
CA ARG A 273 -13.01 -12.87 25.57
C ARG A 273 -13.09 -13.01 27.07
N TRP A 274 -14.12 -12.42 27.67
CA TRP A 274 -14.28 -12.48 29.13
C TRP A 274 -15.35 -13.51 29.53
N GLU A 275 -15.61 -14.46 28.63
CA GLU A 275 -16.61 -15.53 28.87
C GLU A 275 -16.24 -16.68 27.96
N MET B 1 11.30 25.38 17.23
CA MET B 1 11.79 24.07 16.79
C MET B 1 10.85 22.99 17.30
N ILE B 2 10.79 21.87 16.54
CA ILE B 2 10.03 20.68 16.91
C ILE B 2 10.53 20.18 18.24
N GLN B 3 9.60 19.90 19.13
CA GLN B 3 9.91 19.16 20.33
C GLN B 3 8.83 18.11 20.53
N ARG B 4 9.23 16.89 20.90
CA ARG B 4 8.28 15.81 21.18
C ARG B 4 8.59 15.18 22.53
N THR B 5 7.54 14.92 23.31
CA THR B 5 7.64 14.49 24.71
C THR B 5 7.94 12.98 24.74
N PRO B 6 8.87 12.52 25.60
CA PRO B 6 9.04 11.06 25.75
C PRO B 6 7.79 10.37 26.33
N LYS B 7 7.50 9.20 25.77
CA LYS B 7 6.48 8.31 26.33
C LYS B 7 7.27 7.29 27.14
N ILE B 8 6.99 7.21 28.45
CA ILE B 8 7.88 6.51 29.41
C ILE B 8 7.11 5.27 29.86
N GLN B 9 7.72 4.10 29.74
CA GLN B 9 7.14 2.86 30.22
C GLN B 9 8.16 2.17 31.10
N VAL B 10 7.74 1.73 32.29
CA VAL B 10 8.62 0.98 33.23
C VAL B 10 8.02 -0.37 33.50
N TYR B 11 8.81 -1.44 33.37
CA TYR B 11 8.25 -2.76 33.36
C TYR B 11 9.38 -3.78 33.47
N SER B 12 9.00 -5.02 33.76
CA SER B 12 9.97 -6.08 33.83
C SER B 12 9.99 -6.91 32.57
N ARG B 13 11.15 -7.46 32.28
CA ARG B 13 11.27 -8.34 31.11
C ARG B 13 10.33 -9.55 31.13
N HIS B 14 10.28 -10.26 32.27
CA HIS B 14 9.41 -11.41 32.50
C HIS B 14 8.39 -11.07 33.60
N PRO B 15 7.28 -11.84 33.70
CA PRO B 15 6.34 -11.61 34.83
C PRO B 15 7.07 -11.64 36.19
N ALA B 16 6.83 -10.66 37.05
CA ALA B 16 7.64 -10.52 38.23
C ALA B 16 7.21 -11.56 39.25
N GLU B 17 8.18 -12.13 39.94
CA GLU B 17 7.90 -13.10 40.96
C GLU B 17 8.95 -12.80 42.03
N ASN B 18 8.51 -12.57 43.26
CA ASN B 18 9.40 -12.17 44.35
C ASN B 18 10.47 -13.20 44.55
N GLY B 19 11.72 -12.74 44.54
CA GLY B 19 12.84 -13.64 44.80
C GLY B 19 13.44 -14.27 43.56
N LYS B 20 12.85 -13.99 42.40
CA LYS B 20 13.33 -14.50 41.15
C LYS B 20 13.97 -13.39 40.34
N SER B 21 15.21 -13.58 39.89
CA SER B 21 15.87 -12.47 39.19
C SER B 21 15.25 -12.25 37.81
N ASN B 22 15.34 -11.01 37.35
CA ASN B 22 14.50 -10.53 36.27
C ASN B 22 15.31 -9.30 35.76
N PHE B 23 14.75 -8.54 34.81
CA PHE B 23 15.34 -7.30 34.38
C PHE B 23 14.30 -6.22 34.50
N LEU B 24 14.68 -5.04 34.94
CA LEU B 24 13.80 -3.86 35.06
C LEU B 24 14.14 -2.93 33.93
N ASN B 25 13.14 -2.57 33.14
CA ASN B 25 13.29 -1.78 31.93
C ASN B 25 12.64 -0.44 32.11
N CYS B 26 13.29 0.62 31.63
CA CYS B 26 12.59 1.89 31.41
C CYS B 26 12.79 2.24 29.93
N TYR B 27 11.71 2.17 29.19
CA TYR B 27 11.73 2.44 27.77
C TYR B 27 11.19 3.84 27.51
N VAL B 28 11.97 4.67 26.82
CA VAL B 28 11.51 6.05 26.55
C VAL B 28 11.44 6.19 25.01
N SER B 29 10.33 6.60 24.47
CA SER B 29 10.16 6.58 23.00
C SER B 29 9.45 7.85 22.53
N GLY B 30 9.57 8.19 21.24
CA GLY B 30 8.74 9.29 20.72
C GLY B 30 9.26 10.67 21.06
N PHE B 31 10.51 10.79 21.48
CA PHE B 31 11.01 12.08 21.89
C PHE B 31 11.86 12.81 20.85
N HIS B 32 11.95 14.12 21.02
CA HIS B 32 12.81 14.96 20.17
C HIS B 32 12.97 16.30 20.87
N PRO B 33 14.22 16.79 21.02
CA PRO B 33 15.54 16.28 20.56
C PRO B 33 16.04 15.13 21.40
N SER B 34 17.20 14.58 21.05
CA SER B 34 17.71 13.35 21.71
C SER B 34 18.25 13.50 23.10
N ASP B 35 18.60 14.73 23.48
CA ASP B 35 19.17 14.93 24.83
C ASP B 35 18.11 14.59 25.87
N ILE B 36 18.43 13.61 26.73
CA ILE B 36 17.44 13.09 27.71
C ILE B 36 18.23 12.53 28.94
N GLU B 37 17.66 12.67 30.14
CA GLU B 37 18.22 12.11 31.38
C GLU B 37 17.25 11.03 31.78
N VAL B 38 17.74 9.80 31.98
CA VAL B 38 16.85 8.70 32.41
C VAL B 38 17.57 8.02 33.59
N ASP B 39 16.90 7.91 34.74
CA ASP B 39 17.47 7.11 35.86
C ASP B 39 16.49 6.08 36.34
N LEU B 40 16.95 4.87 36.67
CA LEU B 40 16.09 3.93 37.36
C LEU B 40 16.28 4.15 38.84
N LEU B 41 15.18 4.07 39.60
CA LEU B 41 15.22 4.32 41.04
C LEU B 41 14.79 3.08 41.80
N LYS B 42 15.50 2.79 42.90
CA LYS B 42 15.09 1.79 43.86
C LYS B 42 14.92 2.52 45.19
N ASN B 43 13.69 2.45 45.73
CA ASN B 43 13.26 3.18 46.89
C ASN B 43 13.65 4.66 46.86
N GLY B 44 13.38 5.29 45.72
CA GLY B 44 13.73 6.68 45.46
C GLY B 44 15.20 7.01 45.27
N GLU B 45 16.08 6.00 45.24
CA GLU B 45 17.52 6.28 45.11
C GLU B 45 17.98 5.82 43.74
N ARG B 46 18.93 6.53 43.14
CA ARG B 46 19.48 6.12 41.83
C ARG B 46 20.18 4.75 41.84
N ILE B 47 19.82 3.88 40.89
CA ILE B 47 20.53 2.60 40.70
C ILE B 47 21.76 2.88 39.79
N GLU B 48 22.91 2.31 40.14
CA GLU B 48 24.18 2.64 39.47
C GLU B 48 24.55 1.68 38.34
N LYS B 49 24.07 0.47 38.42
CA LYS B 49 24.49 -0.53 37.47
C LYS B 49 23.50 -0.54 36.30
N VAL B 50 23.37 0.59 35.59
CA VAL B 50 22.27 0.68 34.57
C VAL B 50 22.85 0.78 33.16
N GLU B 51 22.36 -0.05 32.24
CA GLU B 51 22.82 0.04 30.89
C GLU B 51 21.76 0.63 30.01
N HIS B 52 22.15 1.05 28.83
CA HIS B 52 21.15 1.56 27.90
C HIS B 52 21.51 1.15 26.49
N SER B 53 20.49 1.15 25.64
CA SER B 53 20.61 0.84 24.23
C SER B 53 21.27 1.99 23.48
N ASP B 54 21.68 1.70 22.26
CA ASP B 54 22.22 2.73 21.38
C ASP B 54 21.10 3.57 20.79
N LEU B 55 21.30 4.88 20.77
CA LEU B 55 20.32 5.84 20.26
C LEU B 55 19.87 5.51 18.84
N SER B 56 18.56 5.32 18.70
CA SER B 56 18.02 5.02 17.39
C SER B 56 16.73 5.79 17.29
N PHE B 57 16.06 5.67 16.16
CA PHE B 57 14.82 6.45 15.94
C PHE B 57 13.83 5.77 15.01
N SER B 58 12.59 6.24 15.03
CA SER B 58 11.48 5.62 14.33
C SER B 58 11.25 6.25 12.97
N LYS B 59 10.27 5.77 12.21
CA LYS B 59 9.98 6.30 10.87
C LYS B 59 9.67 7.81 10.87
N ASP B 60 9.11 8.28 11.99
CA ASP B 60 8.76 9.69 12.14
C ASP B 60 9.87 10.56 12.71
N TRP B 61 11.06 9.98 12.81
CA TRP B 61 12.31 10.57 13.26
C TRP B 61 12.44 10.69 14.78
N SER B 62 11.43 10.30 15.55
CA SER B 62 11.50 10.49 16.99
C SER B 62 12.41 9.41 17.60
N PHE B 63 13.01 9.70 18.73
CA PHE B 63 14.11 8.84 19.22
C PHE B 63 13.51 7.81 20.21
N TYR B 64 14.22 6.70 20.43
CA TYR B 64 13.83 5.77 21.48
C TYR B 64 15.09 5.21 22.11
N LEU B 65 14.98 4.94 23.41
CA LEU B 65 16.08 4.36 24.19
C LEU B 65 15.48 3.42 25.23
N LEU B 66 16.20 2.35 25.50
CA LEU B 66 15.87 1.41 26.57
C LEU B 66 16.97 1.48 27.64
N TYR B 67 16.58 1.74 28.89
CA TYR B 67 17.46 1.69 30.04
C TYR B 67 17.05 0.47 30.83
N TYR B 68 18.05 -0.26 31.33
CA TYR B 68 17.77 -1.56 31.93
C TYR B 68 18.80 -2.02 32.97
N THR B 69 18.35 -2.87 33.90
CA THR B 69 19.28 -3.37 34.92
C THR B 69 18.71 -4.69 35.37
N GLU B 70 19.56 -5.57 35.87
CA GLU B 70 19.11 -6.82 36.43
C GLU B 70 18.57 -6.46 37.81
N PHE B 71 17.46 -7.06 38.21
CA PHE B 71 16.94 -6.93 39.57
C PHE B 71 16.19 -8.19 40.04
N THR B 72 16.00 -8.29 41.35
CA THR B 72 15.19 -9.36 41.90
C THR B 72 14.08 -8.68 42.68
N PRO B 73 12.84 -8.74 42.15
CA PRO B 73 11.70 -8.17 42.86
C PRO B 73 11.51 -8.71 44.26
N THR B 74 11.06 -7.84 45.15
CA THR B 74 10.60 -8.25 46.47
C THR B 74 9.31 -7.54 46.77
N GLU B 75 8.82 -7.80 47.96
CA GLU B 75 7.55 -7.30 48.41
C GLU B 75 7.63 -5.82 48.69
N LYS B 76 8.66 -5.43 49.42
CA LYS B 76 8.78 -4.07 49.93
C LYS B 76 9.45 -3.07 48.97
N ASP B 77 10.26 -3.53 48.02
CA ASP B 77 11.08 -2.57 47.23
C ASP B 77 10.25 -1.96 46.15
N GLU B 78 10.34 -0.64 46.05
CA GLU B 78 9.59 0.14 45.07
C GLU B 78 10.55 0.63 43.99
N TYR B 79 10.13 0.46 42.74
CA TYR B 79 10.92 0.84 41.58
C TYR B 79 10.27 1.89 40.71
N ALA B 80 11.11 2.69 40.05
CA ALA B 80 10.56 3.76 39.24
C ALA B 80 11.57 4.19 38.22
N CYS B 81 11.10 5.01 37.28
CA CYS B 81 12.01 5.57 36.32
C CYS B 81 11.85 7.10 36.33
N ARG B 82 12.96 7.84 36.35
CA ARG B 82 12.89 9.30 36.40
C ARG B 82 13.45 9.87 35.12
N VAL B 83 12.69 10.70 34.41
CA VAL B 83 13.10 11.16 33.09
C VAL B 83 13.05 12.70 33.08
N ASN B 84 14.09 13.39 32.58
CA ASN B 84 13.97 14.82 32.30
C ASN B 84 14.37 15.04 30.83
N HIS B 85 13.79 16.07 30.22
CA HIS B 85 13.86 16.32 28.77
C HIS B 85 13.36 17.77 28.69
N VAL B 86 13.73 18.49 27.63
CA VAL B 86 13.27 19.87 27.42
C VAL B 86 11.75 20.04 27.43
N THR B 87 11.00 19.01 27.04
CA THR B 87 9.53 19.10 27.02
C THR B 87 8.85 18.99 28.40
N LEU B 88 9.58 18.53 29.41
CA LEU B 88 9.05 18.31 30.74
C LEU B 88 9.43 19.48 31.61
N SER B 89 8.45 20.08 32.27
CA SER B 89 8.76 21.27 33.04
C SER B 89 9.46 20.88 34.35
N GLN B 90 9.28 19.62 34.77
CA GLN B 90 10.05 19.08 35.89
C GLN B 90 10.27 17.63 35.53
N PRO B 91 11.35 17.01 36.06
CA PRO B 91 11.52 15.56 35.94
C PRO B 91 10.31 14.76 36.37
N LYS B 92 10.02 13.75 35.57
CA LYS B 92 8.80 13.01 35.70
C LYS B 92 9.14 11.63 36.20
N ILE B 93 8.43 11.20 37.24
CA ILE B 93 8.67 9.88 37.80
C ILE B 93 7.49 8.93 37.43
N VAL B 94 7.83 7.80 36.82
CA VAL B 94 6.82 6.78 36.56
C VAL B 94 7.15 5.55 37.41
N LYS B 95 6.22 5.14 38.28
CA LYS B 95 6.45 4.05 39.22
C LYS B 95 6.17 2.71 38.51
N TRP B 96 6.99 1.71 38.84
CA TRP B 96 6.75 0.36 38.36
C TRP B 96 5.51 -0.20 39.02
N ASP B 97 4.59 -0.70 38.22
CA ASP B 97 3.38 -1.31 38.75
C ASP B 97 3.35 -2.72 38.20
N ARG B 98 3.60 -3.70 39.04
CA ARG B 98 3.70 -5.09 38.56
C ARG B 98 2.32 -5.74 38.28
N ASP B 99 1.23 -5.07 38.62
CA ASP B 99 -0.13 -5.67 38.52
C ASP B 99 -0.97 -5.18 37.33
N MET B 100 -0.30 -4.67 36.31
CA MET B 100 -0.96 -4.26 35.08
C MET B 100 -1.38 -5.41 34.16
N BAL C 1 29.89 -1.83 3.25
CB BAL C 1 29.06 -3.03 3.27
CA BAL C 1 28.01 -2.95 4.41
C BAL C 1 27.25 -1.62 4.34
O BAL C 1 26.37 -1.44 3.49
N LEU C 2 27.71 -0.58 5.02
CA LEU C 2 27.45 0.83 4.75
C LEU C 2 27.82 1.21 3.32
N ALA C 3 27.23 2.31 2.84
CA ALA C 3 27.66 2.93 1.57
C ALA C 3 29.06 3.50 1.70
C GIC C 4 31.65 8.13 2.87
N1 GIC C 4 31.00 6.09 1.50
O GIC C 4 30.95 8.82 3.63
C1 GIC C 4 31.78 5.08 1.10
N GIC C 4 29.72 3.64 0.54
O1 GIC C 4 29.07 7.29 1.44
C2 GIC C 4 31.17 3.85 0.43
N2 GIC C 4 30.34 10.25 -2.16
C3 GIC C 4 30.02 6.77 0.84
C4 GIC C 4 30.07 6.88 -0.68
C5 GIC C 4 29.90 8.24 -1.35
C6 GIC C 4 30.87 9.21 -1.48
C7 GIC C 4 29.06 9.99 -2.49
C8 GIC C 4 28.11 10.74 -3.19
C9 GIC C 4 26.86 10.19 -3.37
CC GIC C 4 31.39 6.66 2.77
C10 GIC C 4 26.57 8.93 -2.88
C11 GIC C 4 27.51 8.17 -2.19
C12 GIC C 4 28.76 8.73 -2.01
C 3AZ C 5 30.02 13.23 0.12
N 3AZ C 5 32.64 8.61 2.11
O 3AZ C 5 30.12 14.29 -0.50
C1 3AZ C 5 32.79 10.89 1.11
C2 3AZ C 5 31.59 11.60 1.19
C3 3AZ C 5 31.27 12.44 0.12
C4 3AZ C 5 32.13 12.58 -0.97
C5 3AZ C 5 33.31 11.87 -1.04
C6 3AZ C 5 33.64 11.02 0.02
CN 3AZ C 5 33.17 9.98 2.26
N LEU C 6 28.84 12.68 0.36
CA LEU C 6 27.58 13.27 0.11
C LEU C 6 27.42 14.30 1.21
N THR C 7 27.23 15.57 0.85
CA THR C 7 26.93 16.58 1.86
C THR C 7 25.73 17.40 1.36
N VAL C 8 24.92 17.91 2.27
CA VAL C 8 23.72 18.70 1.84
C VAL C 8 24.04 20.09 1.26
N GLY D 1 3.48 4.31 -6.50
CA GLY D 1 2.71 4.56 -5.25
C GLY D 1 1.94 3.33 -4.82
N SER D 2 0.64 3.48 -4.66
CA SER D 2 -0.22 2.38 -4.24
C SER D 2 -0.66 1.47 -5.43
N HIS D 3 -1.06 0.21 -5.20
CA HIS D 3 -1.31 -0.78 -6.28
C HIS D 3 -2.45 -1.72 -5.94
N SER D 4 -3.10 -2.30 -6.94
CA SER D 4 -4.19 -3.21 -6.72
C SER D 4 -4.07 -4.54 -7.50
N MET D 5 -4.63 -5.60 -6.95
CA MET D 5 -4.80 -6.83 -7.69
C MET D 5 -6.27 -7.19 -7.61
N ARG D 6 -6.89 -7.45 -8.75
CA ARG D 6 -8.30 -7.78 -8.71
C ARG D 6 -8.57 -8.96 -9.61
N TYR D 7 -9.49 -9.84 -9.17
CA TYR D 7 -9.97 -10.90 -10.04
C TYR D 7 -11.44 -10.61 -10.26
N PHE D 8 -11.92 -10.81 -11.48
CA PHE D 8 -13.28 -10.53 -11.87
C PHE D 8 -13.83 -11.82 -12.49
N PHE D 9 -15.05 -12.21 -12.13
CA PHE D 9 -15.63 -13.47 -12.60
C PHE D 9 -17.03 -13.20 -13.06
N THR D 10 -17.45 -13.77 -14.18
CA THR D 10 -18.80 -13.59 -14.68
C THR D 10 -19.32 -14.96 -15.09
N SER D 11 -20.50 -15.32 -14.58
CA SER D 11 -21.13 -16.59 -15.02
C SER D 11 -22.52 -16.33 -15.52
N VAL D 12 -22.86 -16.85 -16.70
CA VAL D 12 -24.13 -16.49 -17.26
C VAL D 12 -24.86 -17.77 -17.57
N SER D 13 -26.05 -17.97 -17.03
CA SER D 13 -26.84 -19.16 -17.42
C SER D 13 -27.41 -19.02 -18.80
N ARG D 14 -27.52 -20.16 -19.50
CA ARG D 14 -28.09 -20.18 -20.82
C ARG D 14 -28.92 -21.46 -21.01
N PRO D 15 -30.14 -21.44 -20.46
CA PRO D 15 -31.03 -22.61 -20.41
C PRO D 15 -31.19 -23.21 -21.79
N GLY D 16 -30.72 -24.44 -21.98
CA GLY D 16 -30.85 -25.14 -23.29
C GLY D 16 -29.70 -24.93 -24.26
N ARG D 17 -28.78 -24.04 -23.94
CA ARG D 17 -27.64 -23.77 -24.83
C ARG D 17 -26.32 -24.09 -24.14
N GLY D 18 -26.34 -24.98 -23.15
CA GLY D 18 -25.10 -25.44 -22.54
C GLY D 18 -25.04 -25.20 -21.05
N GLU D 19 -23.88 -25.47 -20.46
CA GLU D 19 -23.62 -25.12 -19.07
C GLU D 19 -23.41 -23.61 -19.02
N PRO D 20 -23.43 -22.98 -17.81
CA PRO D 20 -23.22 -21.52 -17.84
C PRO D 20 -21.88 -21.10 -18.44
N ARG D 21 -21.90 -19.98 -19.15
CA ARG D 21 -20.67 -19.43 -19.67
C ARG D 21 -19.91 -18.80 -18.48
N PHE D 22 -18.64 -19.16 -18.32
CA PHE D 22 -17.85 -18.61 -17.22
C PHE D 22 -16.61 -17.94 -17.77
N ILE D 23 -16.37 -16.68 -17.36
CA ILE D 23 -15.18 -15.96 -17.80
C ILE D 23 -14.51 -15.33 -16.60
N ALA D 24 -13.21 -15.61 -16.39
CA ALA D 24 -12.48 -15.00 -15.29
C ALA D 24 -11.31 -14.22 -15.86
N VAL D 25 -11.03 -13.06 -15.28
CA VAL D 25 -9.85 -12.29 -15.65
C VAL D 25 -9.18 -11.75 -14.40
N GLY D 26 -7.86 -11.56 -14.46
CA GLY D 26 -7.16 -10.91 -13.34
C GLY D 26 -6.36 -9.69 -13.80
N TYR D 27 -6.25 -8.69 -12.95
CA TYR D 27 -5.61 -7.42 -13.28
C TYR D 27 -4.67 -7.04 -12.17
N VAL D 28 -3.55 -6.40 -12.52
CA VAL D 28 -2.80 -5.66 -11.52
C VAL D 28 -2.95 -4.20 -11.97
N ASP D 29 -3.44 -3.33 -11.09
CA ASP D 29 -3.83 -1.96 -11.50
C ASP D 29 -4.67 -2.02 -12.79
N ASP D 30 -4.27 -1.30 -13.83
CA ASP D 30 -5.05 -1.34 -15.12
C ASP D 30 -4.48 -2.26 -16.19
N THR D 31 -3.69 -3.26 -15.78
CA THR D 31 -3.04 -4.15 -16.75
C THR D 31 -3.57 -5.58 -16.49
N GLN D 32 -4.20 -6.19 -17.50
CA GLN D 32 -4.66 -7.60 -17.36
C GLN D 32 -3.50 -8.57 -17.40
N PHE D 33 -3.57 -9.64 -16.61
CA PHE D 33 -2.49 -10.62 -16.72
C PHE D 33 -2.91 -12.08 -16.95
N VAL D 34 -4.16 -12.42 -16.69
CA VAL D 34 -4.62 -13.81 -16.88
C VAL D 34 -6.09 -13.84 -17.34
N ARG D 35 -6.48 -14.91 -18.02
CA ARG D 35 -7.86 -15.14 -18.39
C ARG D 35 -8.19 -16.62 -18.30
N PHE D 36 -9.46 -16.91 -18.06
CA PHE D 36 -10.05 -18.22 -18.31
C PHE D 36 -11.40 -18.06 -18.99
N ASP D 37 -11.65 -18.81 -20.07
CA ASP D 37 -12.99 -18.86 -20.66
C ASP D 37 -13.43 -20.29 -20.75
N SER D 38 -14.58 -20.61 -20.13
CA SER D 38 -15.18 -21.95 -20.15
C SER D 38 -15.57 -22.46 -21.53
N ASP D 39 -15.79 -21.57 -22.49
CA ASP D 39 -16.03 -22.05 -23.85
C ASP D 39 -14.76 -22.19 -24.69
N ALA D 40 -13.59 -21.85 -24.17
CA ALA D 40 -12.40 -21.97 -25.02
C ALA D 40 -11.96 -23.44 -25.04
N ALA D 41 -11.20 -23.82 -26.06
CA ALA D 41 -10.82 -25.23 -26.18
C ALA D 41 -9.75 -25.66 -25.18
N SER D 42 -8.92 -24.72 -24.74
CA SER D 42 -7.77 -25.07 -23.94
C SER D 42 -8.09 -25.56 -22.54
N GLN D 43 -9.14 -25.03 -21.92
CA GLN D 43 -9.51 -25.38 -20.53
C GLN D 43 -8.39 -25.09 -19.50
N ARG D 44 -7.59 -24.05 -19.77
CA ARG D 44 -6.46 -23.67 -18.91
C ARG D 44 -6.60 -22.22 -18.54
N MET D 45 -6.09 -21.82 -17.36
CA MET D 45 -5.80 -20.41 -17.11
C MET D 45 -4.67 -19.99 -18.07
N GLU D 46 -4.86 -18.88 -18.78
CA GLU D 46 -3.91 -18.47 -19.81
C GLU D 46 -3.23 -17.14 -19.48
N PRO D 47 -1.95 -17.00 -19.85
CA PRO D 47 -1.25 -15.74 -19.69
C PRO D 47 -1.81 -14.67 -20.60
N ARG D 48 -1.93 -13.45 -20.09
CA ARG D 48 -2.34 -12.30 -20.90
C ARG D 48 -1.46 -11.08 -20.64
N ALA D 49 -0.30 -11.30 -20.00
CA ALA D 49 0.76 -10.27 -19.88
C ALA D 49 2.08 -10.97 -20.14
N PRO D 50 3.02 -10.32 -20.84
CA PRO D 50 4.40 -10.91 -20.97
C PRO D 50 5.05 -11.36 -19.66
N TRP D 51 4.92 -10.55 -18.62
CA TRP D 51 5.60 -10.77 -17.36
C TRP D 51 5.02 -11.90 -16.45
N ILE D 52 3.84 -12.40 -16.77
CA ILE D 52 3.27 -13.54 -16.03
C ILE D 52 3.74 -14.87 -16.64
N GLU D 53 4.27 -14.81 -17.86
CA GLU D 53 4.54 -16.01 -18.68
C GLU D 53 5.62 -16.90 -18.06
N GLN D 54 6.54 -16.27 -17.34
CA GLN D 54 7.62 -16.96 -16.64
C GLN D 54 7.19 -17.89 -15.49
N GLU D 55 5.97 -17.71 -14.96
CA GLU D 55 5.49 -18.57 -13.88
C GLU D 55 5.52 -20.03 -14.28
N GLY D 56 5.84 -20.90 -13.33
CA GLY D 56 6.09 -22.29 -13.65
C GLY D 56 4.83 -23.13 -13.74
N PRO D 57 5.00 -24.42 -14.02
CA PRO D 57 3.87 -25.31 -14.25
C PRO D 57 2.97 -25.50 -13.05
N GLU D 58 3.52 -25.43 -11.83
CA GLU D 58 2.70 -25.55 -10.62
C GLU D 58 1.72 -24.37 -10.49
N TYR D 59 2.14 -23.21 -10.98
CA TYR D 59 1.30 -22.03 -10.99
C TYR D 59 0.17 -22.24 -11.98
N TRP D 60 0.50 -22.54 -13.25
CA TRP D 60 -0.55 -22.74 -14.27
C TRP D 60 -1.49 -23.92 -13.95
N ASP D 61 -0.95 -25.04 -13.47
CA ASP D 61 -1.82 -26.13 -13.09
C ASP D 61 -2.69 -25.73 -11.90
N GLY D 62 -2.10 -25.03 -10.90
CA GLY D 62 -2.84 -24.72 -9.66
C GLY D 62 -3.90 -23.67 -9.91
N GLU D 63 -3.56 -22.65 -10.69
CA GLU D 63 -4.49 -21.61 -11.10
C GLU D 63 -5.64 -22.15 -11.94
N THR D 64 -5.34 -23.10 -12.83
CA THR D 64 -6.36 -23.80 -13.64
C THR D 64 -7.32 -24.57 -12.74
N ARG D 65 -6.78 -25.37 -11.81
CA ARG D 65 -7.62 -26.06 -10.83
C ARG D 65 -8.50 -25.11 -10.03
N LYS D 66 -7.92 -24.00 -9.54
CA LYS D 66 -8.69 -23.09 -8.70
C LYS D 66 -9.75 -22.36 -9.49
N VAL D 67 -9.46 -21.99 -10.73
CA VAL D 67 -10.46 -21.25 -11.51
C VAL D 67 -11.65 -22.11 -11.96
N LYS D 68 -11.40 -23.37 -12.28
CA LYS D 68 -12.46 -24.34 -12.58
C LYS D 68 -13.32 -24.56 -11.36
N ALA D 69 -12.68 -24.48 -10.19
CA ALA D 69 -13.40 -24.65 -8.93
C ALA D 69 -14.28 -23.45 -8.67
N HIS D 70 -13.78 -22.24 -8.93
CA HIS D 70 -14.59 -21.02 -8.93
C HIS D 70 -15.80 -21.12 -9.89
N SER D 71 -15.59 -21.69 -11.06
CA SER D 71 -16.66 -21.85 -12.03
C SER D 71 -17.78 -22.78 -11.58
N GLN D 72 -17.39 -23.92 -11.00
CA GLN D 72 -18.39 -24.85 -10.48
C GLN D 72 -19.19 -24.25 -9.34
N THR D 73 -18.55 -23.45 -8.53
CA THR D 73 -19.18 -22.84 -7.42
C THR D 73 -20.24 -21.77 -7.94
N HIS D 74 -19.90 -21.09 -9.05
CA HIS D 74 -20.90 -20.17 -9.65
C HIS D 74 -22.05 -20.91 -10.29
N ARG D 75 -21.79 -22.11 -10.81
CA ARG D 75 -22.87 -22.94 -11.34
C ARG D 75 -23.88 -23.30 -10.25
N VAL D 76 -23.37 -23.65 -9.09
CA VAL D 76 -24.22 -23.87 -7.91
C VAL D 76 -24.99 -22.60 -7.54
N ASP D 77 -24.27 -21.47 -7.49
CA ASP D 77 -24.84 -20.14 -7.17
C ASP D 77 -26.04 -19.78 -8.04
N LEU D 78 -25.92 -19.99 -9.34
CA LEU D 78 -27.00 -19.68 -10.30
C LEU D 78 -28.30 -20.46 -9.98
N GLY D 79 -28.20 -21.74 -9.64
CA GLY D 79 -29.40 -22.45 -9.23
C GLY D 79 -29.92 -21.98 -7.88
N THR D 80 -29.01 -21.71 -6.95
CA THR D 80 -29.40 -21.19 -5.60
C THR D 80 -30.14 -19.87 -5.66
N LEU D 81 -29.59 -18.93 -6.41
CA LEU D 81 -30.22 -17.63 -6.63
C LEU D 81 -31.58 -17.66 -7.33
N ARG D 82 -31.73 -18.59 -8.27
CA ARG D 82 -33.00 -18.77 -8.91
C ARG D 82 -34.06 -19.24 -7.89
N GLY D 83 -33.65 -20.10 -6.97
CA GLY D 83 -34.48 -20.43 -5.81
C GLY D 83 -34.80 -19.27 -4.90
N TYR D 84 -33.78 -18.49 -4.51
CA TYR D 84 -33.98 -17.39 -3.57
C TYR D 84 -34.98 -16.40 -4.16
N TYR D 85 -34.95 -16.27 -5.48
CA TYR D 85 -35.76 -15.23 -6.12
C TYR D 85 -37.00 -15.77 -6.81
N ASN D 86 -37.29 -17.08 -6.65
CA ASN D 86 -38.44 -17.77 -7.33
C ASN D 86 -38.51 -17.47 -8.83
N GLN D 87 -37.41 -17.72 -9.53
CA GLN D 87 -37.34 -17.36 -10.96
C GLN D 87 -37.37 -18.66 -11.78
N SER D 88 -37.81 -18.55 -13.02
CA SER D 88 -37.99 -19.75 -13.83
C SER D 88 -36.70 -20.29 -14.39
N GLU D 89 -36.79 -21.56 -14.82
CA GLU D 89 -35.79 -22.30 -15.56
C GLU D 89 -35.35 -21.58 -16.81
N ALA D 90 -36.28 -20.83 -17.39
CA ALA D 90 -36.24 -20.51 -18.80
C ALA D 90 -35.32 -19.33 -19.05
N GLY D 91 -35.15 -18.47 -18.04
CA GLY D 91 -34.44 -17.22 -18.26
C GLY D 91 -32.95 -17.29 -18.04
N SER D 92 -32.22 -16.40 -18.72
CA SER D 92 -30.79 -16.24 -18.47
C SER D 92 -30.54 -15.24 -17.34
N HIS D 93 -29.63 -15.63 -16.43
CA HIS D 93 -29.20 -14.80 -15.29
C HIS D 93 -27.69 -14.70 -15.19
N THR D 94 -27.22 -13.70 -14.44
CA THR D 94 -25.78 -13.35 -14.38
C THR D 94 -25.32 -13.21 -12.93
N VAL D 95 -24.28 -13.94 -12.54
CA VAL D 95 -23.60 -13.73 -11.27
C VAL D 95 -22.23 -13.15 -11.58
N GLN D 96 -21.88 -12.12 -10.85
CA GLN D 96 -20.55 -11.55 -11.00
C GLN D 96 -19.93 -11.52 -9.65
N ARG D 97 -18.61 -11.68 -9.60
CA ARG D 97 -17.88 -11.66 -8.36
C ARG D 97 -16.56 -10.97 -8.63
N MET D 98 -16.12 -10.17 -7.67
CA MET D 98 -14.83 -9.51 -7.75
C MET D 98 -14.18 -9.63 -6.40
N TYR D 99 -12.90 -9.99 -6.36
CA TYR D 99 -12.16 -9.89 -5.13
C TYR D 99 -10.73 -9.47 -5.38
N GLY D 100 -10.10 -8.98 -4.34
CA GLY D 100 -8.70 -8.58 -4.48
C GLY D 100 -8.25 -7.65 -3.41
N CYS D 101 -7.02 -7.13 -3.54
CA CYS D 101 -6.39 -6.36 -2.49
C CYS D 101 -5.65 -5.17 -3.05
N ASP D 102 -5.49 -4.16 -2.19
CA ASP D 102 -4.65 -3.00 -2.45
C ASP D 102 -3.49 -3.02 -1.47
N VAL D 103 -2.34 -2.48 -1.91
CA VAL D 103 -1.23 -2.17 -1.03
C VAL D 103 -0.93 -0.70 -1.13
N GLY D 104 -0.32 -0.13 -0.07
CA GLY D 104 0.04 1.29 -0.12
C GLY D 104 1.41 1.51 -0.73
N SER D 105 2.00 2.66 -0.45
CA SER D 105 3.31 3.00 -0.98
C SER D 105 4.44 2.18 -0.36
N ASP D 106 4.21 1.73 0.87
CA ASP D 106 5.14 0.88 1.60
C ASP D 106 5.00 -0.59 1.20
N TRP D 107 4.05 -0.82 0.28
CA TRP D 107 3.67 -2.13 -0.26
C TRP D 107 3.15 -3.09 0.79
N ARG D 108 2.58 -2.58 1.87
CA ARG D 108 1.88 -3.45 2.82
C ARG D 108 0.40 -3.35 2.55
N PHE D 109 -0.34 -4.33 3.07
CA PHE D 109 -1.79 -4.40 2.92
C PHE D 109 -2.48 -3.10 3.28
N LEU D 110 -3.30 -2.63 2.36
CA LEU D 110 -4.05 -1.41 2.55
C LEU D 110 -5.54 -1.69 2.68
N ARG D 111 -6.08 -2.43 1.73
CA ARG D 111 -7.52 -2.69 1.68
C ARG D 111 -7.81 -4.03 0.98
N GLY D 112 -8.89 -4.71 1.36
CA GLY D 112 -9.32 -5.93 0.65
C GLY D 112 -10.79 -5.83 0.27
N TYR D 113 -11.22 -6.63 -0.72
CA TYR D 113 -12.56 -6.52 -1.33
C TYR D 113 -13.03 -7.91 -1.65
N HIS D 114 -14.32 -8.19 -1.45
CA HIS D 114 -14.88 -9.42 -1.94
C HIS D 114 -16.37 -9.18 -2.08
N GLN D 115 -16.87 -9.13 -3.30
CA GLN D 115 -18.26 -8.81 -3.49
C GLN D 115 -18.88 -9.48 -4.69
N TYR D 116 -20.21 -9.61 -4.63
CA TYR D 116 -21.04 -10.30 -5.65
C TYR D 116 -22.14 -9.38 -6.12
N ALA D 117 -22.58 -9.64 -7.34
CA ALA D 117 -23.75 -9.02 -7.88
C ALA D 117 -24.57 -10.10 -8.57
N TYR D 118 -25.89 -9.90 -8.55
CA TYR D 118 -26.78 -10.83 -9.28
C TYR D 118 -27.64 -9.98 -10.20
N ASP D 119 -27.63 -10.35 -11.49
CA ASP D 119 -28.34 -9.62 -12.55
C ASP D 119 -28.06 -8.11 -12.55
N GLY D 120 -26.80 -7.75 -12.33
CA GLY D 120 -26.38 -6.35 -12.41
C GLY D 120 -26.50 -5.49 -11.16
N LYS D 121 -27.00 -6.07 -10.07
CA LYS D 121 -27.33 -5.33 -8.84
C LYS D 121 -26.43 -5.88 -7.74
N ASP D 122 -25.89 -5.00 -6.89
CA ASP D 122 -25.22 -5.43 -5.65
C ASP D 122 -26.01 -6.53 -4.96
N TYR D 123 -25.33 -7.65 -4.67
CA TYR D 123 -25.94 -8.74 -3.94
C TYR D 123 -25.36 -8.79 -2.51
N ILE D 124 -24.05 -9.10 -2.37
CA ILE D 124 -23.46 -9.10 -1.04
C ILE D 124 -22.00 -8.64 -1.13
N ALA D 125 -21.55 -7.89 -0.13
CA ALA D 125 -20.19 -7.35 -0.18
C ALA D 125 -19.55 -7.41 1.22
N LEU D 126 -18.31 -7.87 1.25
CA LEU D 126 -17.50 -7.76 2.47
C LEU D 126 -17.21 -6.29 2.69
N LYS D 127 -17.46 -5.81 3.93
CA LYS D 127 -17.17 -4.43 4.26
C LYS D 127 -15.69 -4.20 4.46
N GLU D 128 -15.33 -2.92 4.62
CA GLU D 128 -13.92 -2.55 4.73
C GLU D 128 -13.22 -3.20 5.95
N ASP D 129 -13.97 -3.44 7.04
CA ASP D 129 -13.38 -4.01 8.25
C ASP D 129 -13.01 -5.51 8.13
N LEU D 130 -13.47 -6.09 7.02
CA LEU D 130 -13.23 -7.49 6.59
C LEU D 130 -13.86 -8.49 7.58
N ARG D 131 -14.91 -8.05 8.24
CA ARG D 131 -15.53 -8.92 9.24
C ARG D 131 -17.04 -8.79 9.28
N SER D 132 -17.62 -8.10 8.31
CA SER D 132 -19.06 -7.84 8.31
C SER D 132 -19.46 -7.72 6.89
N TRP D 133 -20.74 -7.83 6.66
CA TRP D 133 -21.30 -7.92 5.33
C TRP D 133 -22.33 -6.84 5.05
N THR D 134 -22.33 -6.32 3.83
CA THR D 134 -23.42 -5.48 3.36
C THR D 134 -24.31 -6.33 2.47
N ALA D 135 -25.58 -6.50 2.84
CA ALA D 135 -26.49 -7.36 2.08
C ALA D 135 -27.85 -6.67 2.12
N ALA D 136 -28.21 -5.89 1.10
CA ALA D 136 -29.51 -5.18 1.08
C ALA D 136 -30.69 -6.12 0.92
N ASP D 137 -30.68 -7.00 -0.09
CA ASP D 137 -31.93 -7.74 -0.30
C ASP D 137 -32.16 -8.84 0.72
N MET D 138 -33.39 -9.29 0.86
CA MET D 138 -33.66 -10.34 1.84
C MET D 138 -32.94 -11.63 1.46
N ALA D 139 -32.82 -11.88 0.14
CA ALA D 139 -32.11 -13.09 -0.34
C ALA D 139 -30.64 -13.07 0.06
N ALA D 140 -30.03 -11.91 -0.08
CA ALA D 140 -28.63 -11.67 0.33
C ALA D 140 -28.46 -11.80 1.82
N GLN D 141 -29.51 -11.50 2.59
CA GLN D 141 -29.43 -11.75 4.01
C GLN D 141 -29.42 -13.25 4.35
N THR D 142 -30.12 -14.07 3.57
CA THR D 142 -30.02 -15.53 3.70
C THR D 142 -28.57 -15.96 3.53
N THR D 143 -27.95 -15.51 2.45
CA THR D 143 -26.51 -15.81 2.23
C THR D 143 -25.65 -15.30 3.39
N LYS D 144 -25.93 -14.10 3.85
CA LYS D 144 -25.21 -13.53 5.01
C LYS D 144 -25.32 -14.42 6.25
N HIS D 145 -26.52 -14.97 6.52
CA HIS D 145 -26.66 -15.84 7.71
C HIS D 145 -25.76 -17.06 7.57
N LYS D 146 -25.75 -17.62 6.36
CA LYS D 146 -24.99 -18.86 6.08
C LYS D 146 -23.49 -18.59 6.14
N TRP D 147 -23.07 -17.44 5.63
CA TRP D 147 -21.68 -17.05 5.67
C TRP D 147 -21.20 -16.63 7.06
N GLU D 148 -22.08 -16.09 7.89
CA GLU D 148 -21.67 -15.76 9.24
C GLU D 148 -21.47 -17.07 10.03
N ALA D 149 -22.41 -18.02 9.83
CA ALA D 149 -22.32 -19.30 10.58
C ALA D 149 -21.10 -20.12 10.18
N ALA D 150 -20.72 -20.01 8.93
CA ALA D 150 -19.54 -20.69 8.40
C ALA D 150 -18.22 -19.93 8.53
N HIS D 151 -18.23 -18.77 9.20
CA HIS D 151 -17.02 -17.92 9.37
C HIS D 151 -16.28 -17.67 8.08
N VAL D 152 -17.06 -17.28 7.08
CA VAL D 152 -16.54 -17.04 5.73
C VAL D 152 -15.65 -15.80 5.73
N ALA D 153 -16.08 -14.74 6.42
CA ALA D 153 -15.26 -13.49 6.44
C ALA D 153 -13.81 -13.71 6.93
N GLU D 154 -13.65 -14.52 7.96
CA GLU D 154 -12.33 -14.80 8.53
C GLU D 154 -11.38 -15.46 7.52
N GLN D 155 -11.91 -16.41 6.75
CA GLN D 155 -11.15 -17.15 5.78
C GLN D 155 -10.81 -16.26 4.60
N LEU D 156 -11.71 -15.36 4.24
CA LEU D 156 -11.40 -14.42 3.19
C LEU D 156 -10.40 -13.38 3.62
N ARG D 157 -10.52 -12.90 4.87
CA ARG D 157 -9.56 -11.94 5.43
C ARG D 157 -8.14 -12.48 5.41
N ALA D 158 -8.00 -13.75 5.79
CA ALA D 158 -6.71 -14.45 5.72
C ALA D 158 -6.09 -14.46 4.31
N TYR D 159 -6.92 -14.73 3.30
CA TYR D 159 -6.48 -14.73 1.90
C TYR D 159 -6.10 -13.31 1.42
N LEU D 160 -6.96 -12.33 1.70
CA LEU D 160 -6.80 -10.97 1.23
C LEU D 160 -5.63 -10.24 1.88
N GLU D 161 -5.39 -10.49 3.16
CA GLU D 161 -4.21 -9.92 3.84
C GLU D 161 -2.93 -10.69 3.57
N GLY D 162 -3.02 -11.94 3.13
CA GLY D 162 -1.83 -12.79 3.06
C GLY D 162 -1.47 -13.04 1.61
N THR D 163 -2.00 -14.15 1.09
CA THR D 163 -1.77 -14.64 -0.27
C THR D 163 -1.96 -13.59 -1.38
N CYS D 164 -3.00 -12.79 -1.26
CA CYS D 164 -3.31 -11.77 -2.25
C CYS D 164 -2.17 -10.74 -2.32
N VAL D 165 -1.75 -10.25 -1.15
CA VAL D 165 -0.69 -9.27 -1.08
C VAL D 165 0.64 -9.89 -1.49
N GLU D 166 0.87 -11.14 -1.09
CA GLU D 166 2.12 -11.85 -1.47
C GLU D 166 2.26 -11.95 -3.00
N TRP D 167 1.19 -12.32 -3.69
CA TRP D 167 1.26 -12.48 -5.13
C TRP D 167 1.27 -11.11 -5.83
N LEU D 168 0.51 -10.14 -5.33
CA LEU D 168 0.62 -8.74 -5.82
C LEU D 168 2.07 -8.20 -5.82
N ARG D 169 2.79 -8.33 -4.71
CA ARG D 169 4.20 -7.89 -4.62
C ARG D 169 5.11 -8.62 -5.57
N ARG D 170 4.89 -9.92 -5.74
CA ARG D 170 5.62 -10.70 -6.70
C ARG D 170 5.40 -10.18 -8.12
N TYR D 171 4.14 -9.88 -8.48
CA TYR D 171 3.86 -9.39 -9.84
C TYR D 171 4.46 -8.01 -10.09
N LEU D 172 4.41 -7.14 -9.07
CA LEU D 172 5.01 -5.81 -9.18
C LEU D 172 6.52 -5.84 -9.38
N GLU D 173 7.16 -6.87 -8.82
CA GLU D 173 8.61 -7.14 -9.06
C GLU D 173 8.88 -7.65 -10.49
N ASN D 174 8.24 -8.74 -10.87
CA ASN D 174 8.43 -9.38 -12.19
C ASN D 174 7.99 -8.56 -13.40
N GLY D 175 6.93 -7.76 -13.22
CA GLY D 175 6.49 -6.85 -14.23
C GLY D 175 6.78 -5.40 -13.92
N LYS D 176 7.85 -5.14 -13.17
CA LYS D 176 8.30 -3.76 -12.83
C LYS D 176 8.15 -2.72 -13.93
N GLU D 177 8.68 -3.00 -15.12
CA GLU D 177 8.79 -2.03 -16.23
C GLU D 177 7.39 -1.59 -16.70
N THR D 178 6.46 -2.53 -16.65
CA THR D 178 5.06 -2.35 -17.09
C THR D 178 4.20 -1.77 -15.98
N LEU D 179 4.32 -2.34 -14.79
CA LEU D 179 3.42 -1.99 -13.70
C LEU D 179 3.85 -0.77 -12.90
N GLN D 180 5.15 -0.59 -12.66
CA GLN D 180 5.64 0.56 -11.87
C GLN D 180 6.07 1.64 -12.87
N ARG D 181 5.11 2.16 -13.60
CA ARG D 181 5.38 3.17 -14.58
C ARG D 181 4.20 4.12 -14.58
N THR D 182 4.47 5.33 -15.01
CA THR D 182 3.44 6.31 -15.21
C THR D 182 3.73 6.92 -16.57
N ASP D 183 2.72 7.00 -17.43
CA ASP D 183 2.87 7.69 -18.72
C ASP D 183 1.95 8.89 -18.63
N ALA D 184 2.53 10.09 -18.69
CA ALA D 184 1.71 11.31 -18.63
C ALA D 184 0.94 11.51 -19.93
N PRO D 185 -0.27 12.06 -19.85
CA PRO D 185 -1.12 12.26 -21.04
C PRO D 185 -0.52 13.31 -21.96
N LYS D 186 -0.62 13.02 -23.26
CA LYS D 186 -0.26 14.00 -24.26
C LYS D 186 -1.57 14.71 -24.60
N THR D 187 -1.60 16.01 -24.38
CA THR D 187 -2.86 16.73 -24.45
C THR D 187 -2.92 17.76 -25.58
N HIS D 188 -4.13 17.95 -26.08
CA HIS D 188 -4.42 19.01 -27.04
C HIS D 188 -5.90 19.27 -27.07
N MET D 189 -6.30 20.34 -27.75
CA MET D 189 -7.71 20.57 -27.94
C MET D 189 -7.97 20.70 -29.44
N THR D 190 -9.16 20.34 -29.90
CA THR D 190 -9.51 20.54 -31.28
C THR D 190 -10.68 21.49 -31.40
N HIS D 191 -10.86 22.06 -32.58
CA HIS D 191 -11.93 23.02 -32.80
C HIS D 191 -12.57 22.76 -34.15
N HIS D 192 -13.89 22.59 -34.16
CA HIS D 192 -14.61 22.40 -35.42
C HIS D 192 -15.96 23.10 -35.41
N ALA D 193 -16.26 23.88 -36.44
CA ALA D 193 -17.54 24.61 -36.48
C ALA D 193 -18.64 23.58 -36.63
N VAL D 194 -19.74 23.73 -35.90
CA VAL D 194 -20.89 22.89 -36.24
C VAL D 194 -21.93 23.63 -37.06
N SER D 195 -21.83 24.96 -37.07
CA SER D 195 -22.64 25.80 -37.97
C SER D 195 -21.89 27.12 -38.02
N ASP D 196 -22.46 28.17 -38.60
CA ASP D 196 -21.74 29.44 -38.60
C ASP D 196 -21.85 30.19 -37.28
N HIS D 197 -22.55 29.60 -36.31
CA HIS D 197 -22.62 30.26 -35.03
C HIS D 197 -22.17 29.40 -33.86
N GLU D 198 -21.82 28.13 -34.07
CA GLU D 198 -21.34 27.31 -32.94
C GLU D 198 -20.13 26.48 -33.30
N ALA D 199 -19.33 26.10 -32.31
CA ALA D 199 -18.14 25.27 -32.54
C ALA D 199 -18.00 24.20 -31.46
N THR D 200 -17.54 23.00 -31.83
CA THR D 200 -17.21 22.03 -30.80
C THR D 200 -15.77 22.19 -30.37
N LEU D 201 -15.53 22.30 -29.05
CA LEU D 201 -14.18 22.33 -28.53
C LEU D 201 -14.02 20.98 -27.86
N ARG D 202 -12.96 20.25 -28.19
CA ARG D 202 -12.76 18.92 -27.59
C ARG D 202 -11.35 18.83 -27.00
N CYS D 203 -11.26 18.46 -25.71
CA CYS D 203 -10.01 18.43 -25.00
C CYS D 203 -9.62 16.97 -24.99
N TRP D 204 -8.41 16.66 -25.49
CA TRP D 204 -7.96 15.29 -25.63
C TRP D 204 -6.83 14.95 -24.67
N ALA D 205 -6.82 13.71 -24.16
CA ALA D 205 -5.69 13.24 -23.38
C ALA D 205 -5.38 11.87 -23.99
N LEU D 206 -4.14 11.68 -24.40
CA LEU D 206 -3.75 10.46 -25.14
C LEU D 206 -2.51 9.81 -24.51
N SER D 207 -2.40 8.50 -24.67
CA SER D 207 -1.16 7.76 -24.30
C SER D 207 -0.80 7.80 -22.85
N PHE D 208 -1.80 7.75 -21.99
CA PHE D 208 -1.52 7.81 -20.55
C PHE D 208 -1.72 6.50 -19.81
N TYR D 209 -1.05 6.38 -18.67
CA TYR D 209 -1.14 5.21 -17.82
C TYR D 209 -0.73 5.67 -16.42
N PRO D 210 -1.51 5.28 -15.38
CA PRO D 210 -2.73 4.45 -15.41
C PRO D 210 -3.96 5.21 -15.89
N ALA D 211 -5.11 4.51 -15.89
CA ALA D 211 -6.36 5.00 -16.53
C ALA D 211 -7.00 6.20 -15.83
N GLU D 212 -6.74 6.35 -14.55
CA GLU D 212 -7.36 7.41 -13.77
C GLU D 212 -6.91 8.81 -14.23
N ILE D 213 -7.88 9.66 -14.55
CA ILE D 213 -7.61 11.00 -15.07
C ILE D 213 -8.89 11.86 -14.88
N THR D 214 -8.69 13.18 -14.82
CA THR D 214 -9.80 14.12 -14.76
C THR D 214 -9.60 15.14 -15.87
N LEU D 215 -10.63 15.28 -16.73
CA LEU D 215 -10.70 16.28 -17.79
C LEU D 215 -11.89 17.18 -17.46
N THR D 216 -11.70 18.50 -17.37
CA THR D 216 -12.82 19.40 -17.05
C THR D 216 -12.74 20.66 -17.89
N TRP D 217 -13.90 21.17 -18.33
CA TRP D 217 -13.93 22.46 -19.07
C TRP D 217 -14.33 23.53 -18.09
N GLN D 218 -13.66 24.69 -18.10
CA GLN D 218 -14.17 25.88 -17.40
C GLN D 218 -14.55 26.96 -18.42
N ARG D 219 -15.60 27.74 -18.12
CA ARG D 219 -15.90 28.96 -18.89
C ARG D 219 -15.70 30.14 -17.95
N ASP D 220 -14.74 31.03 -18.25
CA ASP D 220 -14.27 32.05 -17.26
C ASP D 220 -14.12 31.47 -15.84
N GLY D 221 -13.49 30.33 -15.67
CA GLY D 221 -13.41 29.85 -14.30
C GLY D 221 -14.51 28.95 -13.77
N GLU D 222 -15.65 28.86 -14.44
CA GLU D 222 -16.77 28.11 -13.87
C GLU D 222 -16.87 26.73 -14.51
N ASP D 223 -16.92 25.68 -13.69
CA ASP D 223 -16.98 24.33 -14.28
C ASP D 223 -18.23 24.18 -15.13
N GLN D 224 -18.05 23.56 -16.30
CA GLN D 224 -19.13 23.38 -17.27
C GLN D 224 -19.62 21.92 -17.31
N THR D 225 -19.66 21.32 -16.15
CA THR D 225 -19.89 19.88 -16.05
C THR D 225 -21.21 19.37 -16.69
N GLN D 226 -22.30 20.11 -16.47
CA GLN D 226 -23.58 19.79 -17.13
C GLN D 226 -23.66 19.98 -18.66
N ASP D 227 -22.78 20.80 -19.21
CA ASP D 227 -22.72 20.95 -20.65
C ASP D 227 -21.57 20.22 -21.32
N THR D 228 -20.85 19.41 -20.55
CA THR D 228 -19.68 18.73 -21.09
C THR D 228 -20.09 17.31 -21.47
N GLU D 229 -19.68 16.88 -22.67
CA GLU D 229 -19.78 15.48 -23.03
C GLU D 229 -18.48 14.82 -22.65
N LEU D 230 -18.52 13.84 -21.76
CA LEU D 230 -17.28 13.29 -21.28
C LEU D 230 -17.31 11.81 -21.66
N VAL D 231 -16.37 11.31 -22.49
CA VAL D 231 -16.45 9.89 -22.84
C VAL D 231 -15.81 9.02 -21.80
N GLU D 232 -16.18 7.75 -21.78
CA GLU D 232 -15.53 6.80 -20.92
C GLU D 232 -14.03 6.63 -21.31
N THR D 233 -13.15 6.56 -20.30
CA THR D 233 -11.73 6.36 -20.58
C THR D 233 -11.61 5.02 -21.32
N ARG D 234 -10.83 5.00 -22.40
CA ARG D 234 -10.79 3.85 -23.27
C ARG D 234 -9.35 3.39 -23.53
N PRO D 235 -9.17 2.07 -23.71
CA PRO D 235 -7.86 1.50 -24.02
C PRO D 235 -7.45 1.82 -25.44
N ALA D 236 -6.18 2.20 -25.61
CA ALA D 236 -5.66 2.36 -26.96
C ALA D 236 -5.31 1.01 -27.59
N GLY D 237 -5.14 -0.02 -26.75
CA GLY D 237 -4.69 -1.34 -27.19
C GLY D 237 -3.20 -1.66 -27.01
N ASP D 238 -2.42 -0.66 -26.60
CA ASP D 238 -0.97 -0.80 -26.39
C ASP D 238 -0.56 -0.63 -24.93
N GLY D 239 -1.52 -0.70 -24.02
CA GLY D 239 -1.21 -0.61 -22.59
C GLY D 239 -1.38 0.80 -22.09
N THR D 240 -1.79 1.72 -22.96
CA THR D 240 -2.13 3.09 -22.51
C THR D 240 -3.61 3.40 -22.75
N PHE D 241 -4.03 4.58 -22.26
CA PHE D 241 -5.46 4.99 -22.34
C PHE D 241 -5.69 6.33 -23.02
N GLN D 242 -6.94 6.59 -23.38
CA GLN D 242 -7.32 7.85 -24.01
C GLN D 242 -8.60 8.34 -23.38
N LYS D 243 -8.84 9.65 -23.48
CA LYS D 243 -10.17 10.19 -23.04
C LYS D 243 -10.31 11.57 -23.68
N TRP D 244 -11.57 11.95 -23.95
CA TRP D 244 -11.82 13.33 -24.31
C TRP D 244 -13.03 13.91 -23.60
N ALA D 245 -13.12 15.24 -23.65
CA ALA D 245 -14.28 15.95 -23.09
C ALA D 245 -14.58 17.06 -24.08
N ALA D 246 -15.85 17.25 -24.41
CA ALA D 246 -16.24 18.26 -25.42
C ALA D 246 -17.35 19.15 -24.94
N VAL D 247 -17.33 20.39 -25.43
CA VAL D 247 -18.42 21.37 -25.19
C VAL D 247 -18.71 22.03 -26.55
N VAL D 248 -19.97 22.40 -26.76
CA VAL D 248 -20.38 23.18 -27.92
C VAL D 248 -20.66 24.60 -27.45
N VAL D 249 -19.99 25.52 -28.10
CA VAL D 249 -19.83 26.89 -27.62
C VAL D 249 -20.24 27.86 -28.75
N PRO D 250 -20.80 29.04 -28.40
CA PRO D 250 -20.96 30.09 -29.42
C PRO D 250 -19.62 30.57 -30.02
N SER D 251 -19.56 30.61 -31.35
CA SER D 251 -18.39 31.10 -32.10
C SER D 251 -18.03 32.47 -31.61
N GLY D 252 -16.78 32.68 -31.23
CA GLY D 252 -16.31 33.96 -30.74
C GLY D 252 -16.01 33.87 -29.26
N GLN D 253 -16.56 32.86 -28.59
CA GLN D 253 -16.37 32.72 -27.14
C GLN D 253 -15.24 31.75 -26.75
N GLU D 254 -14.48 31.26 -27.72
CA GLU D 254 -13.45 30.21 -27.51
C GLU D 254 -12.49 30.58 -26.40
N GLN D 255 -12.11 31.86 -26.34
CA GLN D 255 -11.06 32.29 -25.40
C GLN D 255 -11.55 32.26 -23.95
N ARG D 256 -12.87 32.16 -23.75
CA ARG D 256 -13.41 32.00 -22.38
C ARG D 256 -13.26 30.57 -21.83
N TYR D 257 -13.07 29.61 -22.71
CA TYR D 257 -13.08 28.19 -22.35
C TYR D 257 -11.68 27.61 -22.19
N THR D 258 -11.48 26.89 -21.08
CA THR D 258 -10.19 26.28 -20.85
C THR D 258 -10.45 24.84 -20.42
N CYS D 259 -9.54 23.95 -20.83
CA CYS D 259 -9.58 22.55 -20.42
C CYS D 259 -8.52 22.26 -19.38
N HIS D 260 -8.86 21.48 -18.34
CA HIS D 260 -8.01 21.31 -17.16
C HIS D 260 -7.76 19.82 -17.04
N VAL D 261 -6.48 19.40 -16.94
CA VAL D 261 -6.17 17.96 -17.00
C VAL D 261 -5.39 17.59 -15.74
N GLN D 262 -5.87 16.54 -15.03
CA GLN D 262 -5.26 16.04 -13.82
C GLN D 262 -4.90 14.56 -14.01
N HIS D 263 -3.62 14.23 -13.83
CA HIS D 263 -3.19 12.84 -13.99
C HIS D 263 -1.94 12.65 -13.10
N GLU D 264 -1.74 11.47 -12.52
CA GLU D 264 -0.59 11.27 -11.65
C GLU D 264 0.78 11.46 -12.35
N GLY D 265 0.81 11.30 -13.67
CA GLY D 265 1.96 11.62 -14.53
C GLY D 265 2.35 13.07 -14.68
N LEU D 266 1.42 13.96 -14.35
CA LEU D 266 1.62 15.39 -14.48
C LEU D 266 2.12 15.96 -13.15
N PRO D 267 3.32 16.59 -13.18
CA PRO D 267 3.89 17.26 -12.01
C PRO D 267 2.99 18.33 -11.43
N LYS D 268 2.16 18.99 -12.26
CA LYS D 268 1.15 19.96 -11.85
C LYS D 268 -0.05 19.77 -12.79
N PRO D 269 -1.29 20.08 -12.33
CA PRO D 269 -2.41 20.06 -13.27
C PRO D 269 -2.20 21.03 -14.48
N LEU D 270 -2.61 20.60 -15.67
CA LEU D 270 -2.38 21.37 -16.89
C LEU D 270 -3.63 22.12 -17.29
N THR D 271 -3.49 23.36 -17.72
CA THR D 271 -4.60 24.08 -18.29
C THR D 271 -4.26 24.32 -19.77
N LEU D 272 -5.17 24.01 -20.67
CA LEU D 272 -4.97 24.36 -22.08
C LEU D 272 -5.95 25.48 -22.42
N ARG D 273 -5.50 26.37 -23.30
CA ARG D 273 -6.19 27.65 -23.56
C ARG D 273 -6.30 27.85 -25.03
N TRP D 274 -7.26 28.68 -25.43
CA TRP D 274 -7.38 29.06 -26.82
C TRP D 274 -6.65 30.40 -27.19
N GLU D 275 -5.59 30.77 -26.47
CA GLU D 275 -4.78 31.96 -26.86
C GLU D 275 -3.40 31.84 -26.24
N MET E 1 -35.73 -7.06 -15.32
CA MET E 1 -34.27 -7.11 -15.09
C MET E 1 -33.57 -5.80 -15.47
N ILE E 2 -32.47 -5.50 -14.77
CA ILE E 2 -31.53 -4.44 -15.12
C ILE E 2 -31.02 -4.58 -16.55
N GLN E 3 -31.06 -3.50 -17.30
CA GLN E 3 -30.46 -3.48 -18.60
C GLN E 3 -29.75 -2.13 -18.71
N ARG E 4 -28.54 -2.15 -19.26
CA ARG E 4 -27.78 -0.90 -19.44
C ARG E 4 -27.25 -0.86 -20.87
N THR E 5 -27.37 0.30 -21.51
CA THR E 5 -27.06 0.47 -22.93
C THR E 5 -25.53 0.58 -23.11
N PRO E 6 -24.95 -0.08 -24.14
CA PRO E 6 -23.53 0.11 -24.45
C PRO E 6 -23.16 1.52 -24.94
N LYS E 7 -22.09 2.07 -24.38
CA LYS E 7 -21.53 3.35 -24.85
C LYS E 7 -20.49 2.93 -25.90
N ILE E 8 -20.59 3.41 -27.15
CA ILE E 8 -19.82 2.77 -28.26
C ILE E 8 -18.86 3.87 -28.74
N GLN E 9 -17.55 3.58 -28.72
CA GLN E 9 -16.58 4.48 -29.29
C GLN E 9 -15.77 3.78 -30.38
N VAL E 10 -15.64 4.40 -31.57
CA VAL E 10 -14.78 3.85 -32.64
C VAL E 10 -13.64 4.82 -32.91
N TYR E 11 -12.39 4.32 -33.01
CA TYR E 11 -11.26 5.24 -33.01
C TYR E 11 -10.00 4.49 -33.37
N SER E 12 -8.95 5.21 -33.74
CA SER E 12 -7.67 4.58 -33.96
C SER E 12 -6.76 4.61 -32.71
N ARG E 13 -5.88 3.60 -32.62
CA ARG E 13 -4.89 3.57 -31.55
C ARG E 13 -3.96 4.78 -31.62
N HIS E 14 -3.48 5.12 -32.83
CA HIS E 14 -2.55 6.23 -33.06
C HIS E 14 -3.22 7.25 -33.99
N PRO E 15 -2.76 8.54 -34.00
CA PRO E 15 -3.34 9.51 -34.94
C PRO E 15 -3.26 8.99 -36.38
N ALA E 16 -4.35 9.08 -37.13
CA ALA E 16 -4.40 8.41 -38.42
C ALA E 16 -3.59 9.15 -39.48
N GLU E 17 -2.95 8.38 -40.34
CA GLU E 17 -2.20 8.95 -41.46
C GLU E 17 -2.41 8.02 -42.64
N ASN E 18 -2.87 8.56 -43.78
CA ASN E 18 -3.16 7.73 -44.94
C ASN E 18 -1.92 6.93 -45.35
N GLY E 19 -2.06 5.61 -45.49
CA GLY E 19 -0.95 4.77 -45.93
C GLY E 19 -0.12 4.17 -44.82
N LYS E 20 -0.47 4.44 -43.57
CA LYS E 20 0.37 3.98 -42.49
C LYS E 20 -0.44 3.06 -41.57
N SER E 21 0.03 1.83 -41.38
CA SER E 21 -0.76 0.90 -40.55
C SER E 21 -0.94 1.38 -39.13
N ASN E 22 -2.07 0.97 -38.56
CA ASN E 22 -2.58 1.51 -37.33
C ASN E 22 -3.49 0.39 -36.83
N PHE E 23 -4.22 0.67 -35.76
CA PHE E 23 -5.21 -0.27 -35.26
C PHE E 23 -6.52 0.46 -35.10
N LEU E 24 -7.59 -0.23 -35.48
CA LEU E 24 -8.92 0.30 -35.42
C LEU E 24 -9.59 -0.39 -34.27
N ASN E 25 -10.18 0.40 -33.38
CA ASN E 25 -10.76 -0.04 -32.14
C ASN E 25 -12.23 0.28 -32.07
N CYS E 26 -13.03 -0.63 -31.50
CA CYS E 26 -14.40 -0.34 -31.16
C CYS E 26 -14.55 -0.79 -29.73
N TYR E 27 -14.69 0.21 -28.84
CA TYR E 27 -14.77 -0.03 -27.44
C TYR E 27 -16.22 0.12 -27.01
N VAL E 28 -16.73 -0.92 -26.34
CA VAL E 28 -18.11 -0.89 -25.85
C VAL E 28 -18.09 -1.06 -24.34
N SER E 29 -18.73 -0.14 -23.64
CA SER E 29 -18.61 -0.12 -22.16
C SER E 29 -19.97 0.21 -21.54
N GLY E 30 -20.10 -0.03 -20.23
CA GLY E 30 -21.32 0.41 -19.52
C GLY E 30 -22.55 -0.47 -19.74
N PHE E 31 -22.38 -1.66 -20.35
CA PHE E 31 -23.55 -2.46 -20.74
C PHE E 31 -23.92 -3.58 -19.81
N HIS E 32 -25.19 -3.95 -19.84
CA HIS E 32 -25.68 -5.09 -19.06
C HIS E 32 -27.01 -5.54 -19.70
N PRO E 33 -27.23 -6.85 -19.90
CA PRO E 33 -26.37 -8.04 -19.60
C PRO E 33 -25.18 -8.16 -20.56
N SER E 34 -24.44 -9.26 -20.48
CA SER E 34 -23.15 -9.32 -21.21
C SER E 34 -23.29 -9.67 -22.70
N ASP E 35 -24.44 -10.21 -23.10
CA ASP E 35 -24.56 -10.70 -24.49
C ASP E 35 -24.60 -9.48 -25.38
N ILE E 36 -23.70 -9.41 -26.36
CA ILE E 36 -23.59 -8.25 -27.22
C ILE E 36 -22.94 -8.71 -28.53
N GLU E 37 -23.33 -8.11 -29.67
CA GLU E 37 -22.67 -8.45 -30.92
C GLU E 37 -21.95 -7.17 -31.36
N VAL E 38 -20.66 -7.27 -31.69
CA VAL E 38 -19.90 -6.13 -32.18
C VAL E 38 -19.22 -6.55 -33.50
N ASP E 39 -19.40 -5.76 -34.57
CA ASP E 39 -18.63 -5.98 -35.81
C ASP E 39 -17.95 -4.72 -36.23
N LEU E 40 -16.70 -4.81 -36.69
CA LEU E 40 -16.04 -3.65 -37.29
C LEU E 40 -16.34 -3.75 -38.76
N LEU E 41 -16.62 -2.60 -39.39
CA LEU E 41 -16.96 -2.60 -40.81
C LEU E 41 -15.97 -1.81 -41.65
N LYS E 42 -15.72 -2.28 -42.86
CA LYS E 42 -14.98 -1.50 -43.86
C LYS E 42 -15.84 -1.37 -45.10
N ASN E 43 -16.14 -0.14 -45.48
CA ASN E 43 -17.09 0.21 -46.56
C ASN E 43 -18.37 -0.60 -46.44
N GLY E 44 -18.86 -0.68 -45.21
CA GLY E 44 -20.07 -1.39 -44.84
C GLY E 44 -19.99 -2.91 -44.71
N GLU E 45 -18.84 -3.53 -45.05
CA GLU E 45 -18.68 -5.00 -44.96
C GLU E 45 -17.99 -5.40 -43.67
N ARG E 46 -18.47 -6.50 -43.09
CA ARG E 46 -17.92 -7.01 -41.86
C ARG E 46 -16.48 -7.43 -42.05
N ILE E 47 -15.60 -6.95 -41.17
CA ILE E 47 -14.20 -7.34 -41.19
C ILE E 47 -14.08 -8.67 -40.41
N GLU E 48 -13.60 -9.71 -41.08
CA GLU E 48 -13.55 -11.04 -40.47
C GLU E 48 -12.40 -11.26 -39.46
N LYS E 49 -11.24 -10.65 -39.68
CA LYS E 49 -10.11 -10.82 -38.73
C LYS E 49 -10.11 -9.78 -37.60
N VAL E 50 -11.10 -9.89 -36.72
CA VAL E 50 -11.20 -8.96 -35.59
C VAL E 50 -11.01 -9.72 -34.30
N GLU E 51 -10.15 -9.23 -33.39
CA GLU E 51 -9.99 -9.89 -32.11
C GLU E 51 -10.70 -9.09 -31.04
N HIS E 52 -10.95 -9.69 -29.89
CA HIS E 52 -11.54 -8.90 -28.82
C HIS E 52 -10.94 -9.22 -27.47
N SER E 53 -11.15 -8.32 -26.54
CA SER E 53 -10.62 -8.49 -25.21
C SER E 53 -11.51 -9.46 -24.42
N ASP E 54 -10.98 -9.93 -23.31
CA ASP E 54 -11.72 -10.81 -22.46
C ASP E 54 -12.71 -10.01 -21.64
N LEU E 55 -13.91 -10.56 -21.49
CA LEU E 55 -15.03 -9.83 -20.82
C LEU E 55 -14.63 -9.47 -19.40
N SER E 56 -14.79 -8.18 -19.08
CA SER E 56 -14.46 -7.70 -17.73
C SER E 56 -15.54 -6.69 -17.39
N PHE E 57 -15.45 -6.10 -16.20
CA PHE E 57 -16.49 -5.14 -15.77
C PHE E 57 -15.97 -4.10 -14.80
N SER E 58 -16.73 -3.04 -14.65
CA SER E 58 -16.36 -1.87 -13.90
C SER E 58 -16.88 -1.99 -12.48
N LYS E 59 -16.57 -0.98 -11.63
CA LYS E 59 -17.01 -0.98 -10.22
C LYS E 59 -18.51 -1.10 -10.05
N ASP E 60 -19.25 -0.55 -11.02
CA ASP E 60 -20.72 -0.59 -10.98
C ASP E 60 -21.30 -1.83 -11.62
N TRP E 61 -20.44 -2.79 -11.97
CA TRP E 61 -20.76 -4.14 -12.51
C TRP E 61 -21.07 -4.13 -14.03
N SER E 62 -21.03 -2.96 -14.68
CA SER E 62 -21.36 -2.94 -16.08
C SER E 62 -20.13 -3.42 -16.86
N PHE E 63 -20.37 -4.04 -18.02
CA PHE E 63 -19.36 -4.80 -18.78
C PHE E 63 -18.67 -3.88 -19.76
N TYR E 64 -17.41 -4.21 -20.11
CA TYR E 64 -16.72 -3.54 -21.20
C TYR E 64 -15.93 -4.55 -22.05
N LEU E 65 -15.80 -4.24 -23.36
CA LEU E 65 -15.10 -5.10 -24.30
C LEU E 65 -14.45 -4.16 -25.31
N LEU E 66 -13.27 -4.53 -25.75
CA LEU E 66 -12.61 -3.85 -26.86
C LEU E 66 -12.53 -4.83 -28.03
N TYR E 67 -13.02 -4.42 -29.20
CA TYR E 67 -12.86 -5.15 -30.45
C TYR E 67 -11.86 -4.39 -31.32
N TYR E 68 -10.93 -5.09 -31.95
CA TYR E 68 -9.85 -4.40 -32.60
C TYR E 68 -9.26 -5.15 -33.81
N THR E 69 -8.76 -4.39 -34.77
CA THR E 69 -8.10 -4.96 -35.95
C THR E 69 -7.01 -4.02 -36.46
N GLU E 70 -6.00 -4.58 -37.13
CA GLU E 70 -4.99 -3.78 -37.82
C GLU E 70 -5.63 -3.25 -39.06
N PHE E 71 -5.35 -1.99 -39.38
CA PHE E 71 -5.84 -1.40 -40.62
C PHE E 71 -4.86 -0.36 -41.11
N THR E 72 -4.94 -0.05 -42.40
CA THR E 72 -4.16 1.03 -42.94
C THR E 72 -5.16 2.01 -43.53
N PRO E 73 -5.41 3.14 -42.84
CA PRO E 73 -6.40 4.10 -43.31
C PRO E 73 -6.03 4.73 -44.65
N THR E 74 -7.05 4.94 -45.48
CA THR E 74 -6.87 5.68 -46.72
C THR E 74 -7.86 6.84 -46.77
N GLU E 75 -7.80 7.55 -47.87
CA GLU E 75 -8.65 8.66 -48.11
C GLU E 75 -10.10 8.21 -48.31
N LYS E 76 -10.28 7.12 -49.05
CA LYS E 76 -11.60 6.71 -49.54
C LYS E 76 -12.35 5.73 -48.64
N ASP E 77 -11.63 4.92 -47.86
CA ASP E 77 -12.27 3.82 -47.14
C ASP E 77 -12.96 4.32 -45.89
N GLU E 78 -14.19 3.88 -45.69
CA GLU E 78 -15.00 4.28 -44.55
C GLU E 78 -15.05 3.12 -43.55
N TYR E 79 -14.83 3.42 -42.27
CA TYR E 79 -14.84 2.38 -41.23
C TYR E 79 -15.91 2.69 -40.22
N ALA E 80 -16.41 1.64 -39.56
CA ALA E 80 -17.52 1.80 -38.65
C ALA E 80 -17.57 0.62 -37.69
N CYS E 81 -18.32 0.75 -36.60
CA CYS E 81 -18.58 -0.36 -35.67
C CYS E 81 -20.09 -0.57 -35.64
N ARG E 82 -20.56 -1.80 -35.71
CA ARG E 82 -21.99 -2.06 -35.72
C ARG E 82 -22.23 -2.88 -34.47
N VAL E 83 -23.17 -2.46 -33.64
CA VAL E 83 -23.34 -3.06 -32.31
C VAL E 83 -24.80 -3.46 -32.11
N ASN E 84 -25.07 -4.68 -31.64
CA ASN E 84 -26.42 -5.03 -31.23
C ASN E 84 -26.44 -5.53 -29.76
N HIS E 85 -27.52 -5.22 -29.07
CA HIS E 85 -27.63 -5.46 -27.64
C HIS E 85 -29.13 -5.39 -27.36
N VAL E 86 -29.59 -6.02 -26.29
CA VAL E 86 -31.03 -6.03 -25.96
C VAL E 86 -31.62 -4.62 -25.79
N THR E 87 -30.78 -3.67 -25.38
CA THR E 87 -31.22 -2.28 -25.13
C THR E 87 -31.45 -1.46 -26.40
N LEU E 88 -30.97 -1.96 -27.56
CA LEU E 88 -31.01 -1.22 -28.80
C LEU E 88 -32.11 -1.81 -29.66
N SER E 89 -33.00 -0.95 -30.18
CA SER E 89 -34.12 -1.46 -30.96
C SER E 89 -33.75 -1.89 -32.38
N GLN E 90 -32.61 -1.41 -32.87
CA GLN E 90 -31.99 -1.99 -34.03
C GLN E 90 -30.46 -1.85 -33.86
N PRO E 91 -29.67 -2.62 -34.67
CA PRO E 91 -28.22 -2.42 -34.53
C PRO E 91 -27.81 -0.95 -34.74
N LYS E 92 -26.89 -0.48 -33.90
CA LYS E 92 -26.39 0.90 -33.93
C LYS E 92 -25.06 0.91 -34.68
N ILE E 93 -24.98 1.76 -35.71
CA ILE E 93 -23.73 1.92 -36.44
C ILE E 93 -23.09 3.28 -36.02
N VAL E 94 -21.83 3.23 -35.57
CA VAL E 94 -21.06 4.41 -35.24
C VAL E 94 -19.90 4.50 -36.23
N LYS E 95 -19.82 5.58 -37.01
CA LYS E 95 -18.78 5.77 -38.02
C LYS E 95 -17.51 6.23 -37.38
N TRP E 96 -16.39 5.71 -37.88
CA TRP E 96 -15.09 6.25 -37.51
C TRP E 96 -14.97 7.66 -38.06
N ASP E 97 -14.67 8.63 -37.18
CA ASP E 97 -14.50 10.02 -37.59
C ASP E 97 -13.09 10.38 -37.16
N ARG E 98 -12.20 10.51 -38.14
CA ARG E 98 -10.78 10.71 -37.85
C ARG E 98 -10.43 12.14 -37.47
N ASP E 99 -11.39 13.04 -37.62
CA ASP E 99 -11.13 14.48 -37.43
C ASP E 99 -11.63 15.02 -36.11
N MET E 100 -11.91 14.15 -35.14
CA MET E 100 -12.43 14.60 -33.83
C MET E 100 -11.34 15.24 -32.97
N BAL F 1 -3.16 -18.80 -5.93
CB BAL F 1 -2.31 -17.62 -5.94
CA BAL F 1 -2.85 -16.54 -6.91
C BAL F 1 -4.29 -16.21 -6.59
O BAL F 1 -4.62 -15.56 -5.58
N LEU F 2 -5.31 -16.80 -7.20
CA LEU F 2 -6.68 -17.14 -6.82
C LEU F 2 -6.75 -17.79 -5.44
N ALA F 3 -7.88 -17.55 -4.80
CA ALA F 3 -8.18 -18.13 -3.52
C ALA F 3 -8.40 -19.62 -3.70
C GIC F 4 -12.40 -23.07 -4.72
N1 GIC F 4 -10.55 -21.91 -3.34
O GIC F 4 -13.28 -22.46 -5.36
C1 GIC F 4 -9.50 -22.54 -2.82
N GIC F 4 -8.20 -20.33 -2.59
O1 GIC F 4 -12.33 -20.48 -3.44
C2 GIC F 4 -8.22 -21.78 -2.48
N2 GIC F 4 -13.93 -22.71 0.47
C3 GIC F 4 -11.45 -21.03 -2.79
C4 GIC F 4 -11.43 -20.60 -1.34
C5 GIC F 4 -12.52 -21.24 -0.47
C6 GIC F 4 -12.95 -22.57 -0.49
C7 GIC F 4 -14.12 -21.52 1.11
C8 GIC F 4 -14.98 -21.14 2.13
C9 GIC F 4 -14.95 -19.81 2.56
CC GIC F 4 -11.02 -22.51 -4.60
C10 GIC F 4 -14.07 -18.89 1.99
C11 GIC F 4 -13.21 -19.27 0.96
C12 GIC F 4 -13.24 -20.60 0.53
C 3AZ F 5 -17.18 -22.90 -1.27
N 3AZ F 5 -12.59 -24.22 -4.08
O 3AZ F 5 -18.10 -23.35 -0.57
C1 3AZ F 5 -14.62 -24.98 -3.00
C2 3AZ F 5 -15.49 -23.91 -2.77
C3 3AZ F 5 -16.22 -23.96 -1.58
C4 3AZ F 5 -16.12 -25.02 -0.71
C5 3AZ F 5 -15.26 -26.08 -0.94
C6 3AZ F 5 -14.52 -26.04 -2.11
CN 3AZ F 5 -13.81 -25.00 -4.26
N LEU F 6 -16.97 -21.60 -1.36
CA LEU F 6 -17.92 -20.59 -1.00
C LEU F 6 -19.08 -20.59 -1.97
N THR F 7 -20.29 -20.79 -1.47
CA THR F 7 -21.46 -20.70 -2.30
C THR F 7 -22.51 -19.84 -1.59
N VAL F 8 -23.30 -19.10 -2.37
CA VAL F 8 -24.34 -18.21 -1.83
C VAL F 8 -25.52 -18.97 -1.18
C1 GOL G . 13.39 -0.58 11.76
O1 GOL G . 14.46 -0.61 10.84
C2 GOL G . 13.94 -1.06 13.07
O2 GOL G . 14.65 -0.02 13.71
C3 GOL G . 12.71 -1.21 13.90
O3 GOL G . 13.01 -2.13 14.91
C1 GOL H . -9.94 -6.74 41.47
O1 GOL H . -9.35 -5.44 41.26
C2 GOL H . -10.15 -7.40 40.11
O2 GOL H . -11.04 -6.57 39.37
C3 GOL H . -10.70 -8.83 40.30
O3 GOL H . -11.04 -9.49 39.09
C1 GOL I . 11.48 0.37 17.17
O1 GOL I . 10.67 0.27 16.02
C2 GOL I . 11.24 -0.84 18.03
O2 GOL I . 11.48 -0.50 19.39
C3 GOL I . 9.86 -1.41 17.73
O3 GOL I . 8.94 -1.04 18.73
C1 GOL J . 4.26 8.53 31.50
O1 GOL J . 3.20 8.94 32.35
C2 GOL J . 3.96 8.92 30.07
O2 GOL J . 5.23 9.08 29.51
C3 GOL J . 3.17 7.74 29.51
O3 GOL J . 3.52 7.47 28.17
C1 GOL K . 28.70 15.76 -4.00
O1 GOL K . 28.81 14.36 -3.91
C2 GOL K . 27.46 16.15 -3.20
O2 GOL K . 27.82 16.25 -1.84
C3 GOL K . 26.90 17.47 -3.73
O3 GOL K . 26.42 18.26 -2.67
C1 GOL L . -9.14 -2.16 -12.36
O1 GOL L . -9.17 -3.27 -11.49
C2 GOL L . -8.82 -2.65 -13.76
O2 GOL L . -9.81 -3.55 -14.20
C3 GOL L . -9.01 -1.44 -14.61
O3 GOL L . -8.44 -1.63 -15.86
C1 GOL M . 0.98 -21.75 -6.64
O1 GOL M . 2.16 -22.06 -7.33
C2 GOL M . -0.09 -22.68 -7.14
O2 GOL M . -0.80 -23.19 -6.05
C3 GOL M . -1.06 -21.84 -7.94
O3 GOL M . -2.39 -22.04 -7.50
C1 GOL N . -10.36 0.49 -17.54
O1 GOL N . -11.26 -0.40 -16.89
C2 GOL N . -11.05 1.83 -17.68
O2 GOL N . -10.82 2.60 -16.52
C3 GOL N . -10.39 2.56 -18.82
O3 GOL N . -10.71 1.90 -20.04
C1 GOL O . -19.87 -22.72 3.45
O1 GOL O . -18.46 -22.63 3.31
C2 GOL O . -20.43 -21.51 2.70
O2 GOL O . -20.35 -21.73 1.30
C3 GOL O . -21.84 -21.24 3.22
O3 GOL O . -22.75 -20.88 2.20
#